data_1P1F
#
_entry.id   1P1F
#
_cell.length_a   153.543
_cell.length_b   97.062
_cell.length_c   122.064
_cell.angle_alpha   90.00
_cell.angle_beta   125.72
_cell.angle_gamma   90.00
#
_symmetry.space_group_name_H-M   'C 1 2 1'
#
loop_
_entity.id
_entity.type
_entity.pdbx_description
1 polymer 'Inositol-3-phosphate synthase'
2 water water
#
_entity_poly.entity_id   1
_entity_poly.type   'polypeptide(L)'
_entity_poly.pdbx_seq_one_letter_code
;MTEDNIAPITSVKVVTDKCTYKDNELLTKYSYENAVVTKTASGRFDVTPTVQDYVFKLDLKKPEKLGIMLIGLGGNNGST
LVASVLANKHNVEFQTKEGVKQPNYFGSMTQCSTLKLGIDAEGNDVYAPFNSLLPMVSPNDFVVSGWDINNADLYEAMQR
SQVLEYDLQQRLKAKMSLVKPLPSIYYPDFIAANQDERANNCINLDEKGNVTTRGKWTHLQRIRRDIQNFKEENALDKVI
VLWTANTERYVEVSPGVNDTMENLLQSIKNDHEEIAPSTIFAAASILEGVPYINGSPQNTFVPGLVQLAEHEGTFIAGDD
LKSGQTKLKSVLAQFLVDAGIKPVSIASYNHLGNNDGYNLSAPKQFRSKEISKSSVIDDIIASNDILYNDKLGKKVDHCI
VIKYMKPVGDSKVAMDEYYSELMLGGHNRISIHNVCEDSLLATPLIIDLLVMTEFCTRVSYKKVDPVKEDAGKFENFYPV
LTFLSYWLKAPLTRPGFHPVNGLNKQRTALENFLRLLIGLPSQNELRFEERLL
;
_entity_poly.pdbx_strand_id   A,B
#
# COMPACT_ATOMS: atom_id res chain seq x y z
N ILE A 9 2.71 -25.28 17.36
CA ILE A 9 2.08 -25.08 16.02
C ILE A 9 1.03 -23.98 16.11
N THR A 10 1.10 -23.02 15.18
CA THR A 10 0.17 -21.89 15.15
C THR A 10 -1.20 -22.25 14.57
N SER A 11 -2.23 -22.10 15.40
CA SER A 11 -3.61 -22.37 14.99
C SER A 11 -4.42 -21.09 15.02
N VAL A 12 -5.58 -21.14 14.39
CA VAL A 12 -6.48 -20.00 14.35
C VAL A 12 -7.90 -20.52 14.14
N LYS A 13 -8.57 -20.76 15.27
CA LYS A 13 -9.93 -21.26 15.24
C LYS A 13 -10.95 -20.10 15.28
N VAL A 14 -11.63 -19.90 14.15
CA VAL A 14 -12.66 -18.86 14.02
C VAL A 14 -14.03 -19.43 14.30
N VAL A 15 -14.82 -18.72 15.12
CA VAL A 15 -16.18 -19.14 15.47
C VAL A 15 -17.22 -18.46 14.59
N THR A 16 -17.85 -19.24 13.72
CA THR A 16 -18.87 -18.70 12.83
C THR A 16 -19.74 -19.82 12.30
N ASP A 17 -20.98 -19.47 11.96
CA ASP A 17 -21.90 -20.46 11.43
C ASP A 17 -21.76 -20.56 9.91
N LYS A 18 -20.77 -19.87 9.36
CA LYS A 18 -20.51 -19.90 7.93
C LYS A 18 -19.53 -21.03 7.57
N CYS A 19 -18.96 -21.67 8.59
CA CYS A 19 -17.99 -22.75 8.36
C CYS A 19 -18.37 -24.05 9.02
N THR A 20 -18.35 -25.12 8.22
CA THR A 20 -18.67 -26.45 8.69
C THR A 20 -17.56 -27.44 8.31
N TYR A 21 -17.29 -28.41 9.18
CA TYR A 21 -16.25 -29.40 8.92
C TYR A 21 -16.76 -30.81 8.69
N LYS A 22 -16.70 -31.28 7.44
CA LYS A 22 -17.14 -32.62 7.14
C LYS A 22 -16.12 -33.43 6.34
N ASP A 23 -15.72 -34.59 6.88
CA ASP A 23 -14.79 -35.49 6.20
C ASP A 23 -13.45 -34.92 5.72
N ASN A 24 -12.67 -34.37 6.64
CA ASN A 24 -11.35 -33.83 6.27
C ASN A 24 -11.43 -32.71 5.23
N GLU A 25 -12.55 -31.98 5.22
CA GLU A 25 -12.74 -30.88 4.30
C GLU A 25 -13.47 -29.73 4.96
N LEU A 26 -13.18 -28.50 4.55
CA LEU A 26 -13.81 -27.31 5.12
C LEU A 26 -14.87 -26.68 4.21
N LEU A 27 -16.06 -26.48 4.76
CA LEU A 27 -17.14 -25.87 4.00
C LEU A 27 -17.50 -24.53 4.61
N THR A 28 -17.23 -23.48 3.83
CA THR A 28 -17.44 -22.09 4.22
C THR A 28 -18.35 -21.36 3.26
N LYS A 29 -19.41 -20.75 3.81
CA LYS A 29 -20.39 -19.97 3.06
C LYS A 29 -19.84 -18.56 2.92
N TYR A 30 -20.06 -17.92 1.78
CA TYR A 30 -19.56 -16.57 1.60
C TYR A 30 -20.43 -15.78 0.63
N SER A 31 -20.66 -14.51 0.95
CA SER A 31 -21.48 -13.66 0.10
C SER A 31 -20.59 -12.62 -0.56
N TYR A 32 -20.22 -12.91 -1.81
CA TYR A 32 -19.35 -12.02 -2.55
C TYR A 32 -20.06 -10.81 -3.13
N GLU A 33 -19.80 -9.65 -2.55
CA GLU A 33 -20.43 -8.44 -3.04
C GLU A 33 -19.45 -7.71 -3.90
N ASN A 34 -19.96 -6.97 -4.87
CA ASN A 34 -19.13 -6.20 -5.79
C ASN A 34 -20.12 -5.18 -6.35
N ALA A 35 -19.76 -4.46 -7.41
CA ALA A 35 -20.69 -3.49 -7.95
C ALA A 35 -20.31 -3.11 -9.36
N VAL A 36 -21.31 -2.89 -10.20
CA VAL A 36 -21.05 -2.51 -11.57
C VAL A 36 -21.32 -1.02 -11.71
N VAL A 37 -20.55 -0.35 -12.56
CA VAL A 37 -20.68 1.09 -12.74
C VAL A 37 -20.84 1.50 -14.20
N THR A 38 -21.45 2.67 -14.40
CA THR A 38 -21.66 3.26 -15.72
C THR A 38 -21.61 4.78 -15.64
N LYS A 39 -20.83 5.38 -16.52
CA LYS A 39 -20.68 6.83 -16.56
C LYS A 39 -21.85 7.41 -17.35
N THR A 40 -21.77 8.70 -17.68
CA THR A 40 -22.81 9.37 -18.45
C THR A 40 -22.21 10.58 -19.15
N ALA A 41 -22.81 10.98 -20.27
CA ALA A 41 -22.33 12.14 -21.01
C ALA A 41 -22.22 13.34 -20.06
N SER A 42 -23.07 13.38 -19.05
CA SER A 42 -23.06 14.47 -18.07
C SER A 42 -22.02 14.20 -16.99
N GLY A 43 -21.46 13.00 -16.99
CA GLY A 43 -20.45 12.63 -16.03
C GLY A 43 -20.96 12.11 -14.70
N ARG A 44 -21.97 11.26 -14.74
CA ARG A 44 -22.52 10.70 -13.52
C ARG A 44 -22.22 9.22 -13.48
N PHE A 45 -21.73 8.76 -12.34
CA PHE A 45 -21.43 7.37 -12.18
C PHE A 45 -22.64 6.72 -11.56
N ASP A 46 -23.26 5.80 -12.28
CA ASP A 46 -24.40 5.09 -11.74
C ASP A 46 -23.82 3.79 -11.22
N VAL A 47 -23.74 3.66 -9.91
CA VAL A 47 -23.19 2.47 -9.29
C VAL A 47 -24.29 1.49 -8.88
N THR A 48 -24.27 0.30 -9.46
CA THR A 48 -25.27 -0.69 -9.14
C THR A 48 -24.62 -1.93 -8.53
N PRO A 49 -24.74 -2.11 -7.20
CA PRO A 49 -24.19 -3.22 -6.45
C PRO A 49 -24.46 -4.59 -7.04
N THR A 50 -23.67 -5.56 -6.60
CA THR A 50 -23.75 -6.94 -7.07
C THR A 50 -23.44 -7.91 -5.94
N VAL A 51 -24.36 -8.82 -5.67
CA VAL A 51 -24.14 -9.81 -4.64
C VAL A 51 -24.31 -11.16 -5.31
N GLN A 52 -23.46 -12.11 -4.93
CA GLN A 52 -23.46 -13.44 -5.50
C GLN A 52 -22.92 -14.35 -4.40
N ASP A 53 -23.70 -15.35 -4.04
CA ASP A 53 -23.34 -16.23 -2.96
C ASP A 53 -22.54 -17.43 -3.40
N TYR A 54 -21.62 -17.84 -2.52
CA TYR A 54 -20.76 -18.97 -2.78
C TYR A 54 -20.63 -19.88 -1.59
N VAL A 55 -20.12 -21.07 -1.87
CA VAL A 55 -19.89 -22.09 -0.87
C VAL A 55 -18.56 -22.72 -1.25
N PHE A 56 -17.50 -22.31 -0.55
CA PHE A 56 -16.16 -22.81 -0.81
C PHE A 56 -15.88 -24.11 -0.04
N LYS A 57 -15.03 -24.96 -0.62
CA LYS A 57 -14.64 -26.22 0.02
C LYS A 57 -13.13 -26.30 -0.05
N LEU A 58 -12.51 -26.51 1.10
CA LEU A 58 -11.06 -26.60 1.18
C LEU A 58 -10.71 -27.97 1.66
N ASP A 59 -10.09 -28.77 0.78
CA ASP A 59 -9.65 -30.11 1.16
C ASP A 59 -8.57 -29.82 2.22
N LEU A 60 -8.84 -30.18 3.46
CA LEU A 60 -7.90 -29.89 4.53
C LEU A 60 -6.65 -30.80 4.53
N LYS A 61 -6.82 -32.02 4.04
CA LYS A 61 -5.73 -32.97 3.97
C LYS A 61 -4.66 -32.51 2.99
N LYS A 62 -3.72 -31.71 3.49
CA LYS A 62 -2.64 -31.21 2.65
C LYS A 62 -1.67 -32.38 2.48
N PRO A 63 -0.98 -32.48 1.33
CA PRO A 63 -0.04 -33.56 1.06
C PRO A 63 1.15 -33.61 2.04
N GLU A 64 1.57 -34.83 2.39
CA GLU A 64 2.69 -34.99 3.32
C GLU A 64 4.03 -34.56 2.71
N LYS A 65 4.14 -34.62 1.39
CA LYS A 65 5.35 -34.19 0.70
C LYS A 65 4.90 -33.59 -0.62
N LEU A 66 5.39 -32.40 -0.95
CA LEU A 66 4.97 -31.79 -2.20
C LEU A 66 6.10 -31.91 -3.21
N GLY A 67 5.86 -32.70 -4.25
CA GLY A 67 6.84 -32.89 -5.29
C GLY A 67 7.02 -31.63 -6.11
N ILE A 68 8.26 -31.22 -6.29
CA ILE A 68 8.55 -30.02 -7.03
C ILE A 68 9.66 -30.27 -8.06
N MET A 69 9.41 -29.88 -9.31
CA MET A 69 10.35 -30.05 -10.39
C MET A 69 10.62 -28.74 -11.11
N LEU A 70 11.86 -28.26 -11.03
CA LEU A 70 12.27 -27.01 -11.67
C LEU A 70 13.00 -27.17 -13.00
N ILE A 71 12.82 -26.19 -13.87
CA ILE A 71 13.44 -26.16 -15.19
C ILE A 71 14.43 -25.01 -15.04
N GLY A 72 15.69 -25.36 -14.84
CA GLY A 72 16.75 -24.38 -14.61
C GLY A 72 17.20 -24.69 -13.20
N LEU A 73 17.08 -25.98 -12.85
CA LEU A 73 17.43 -26.52 -11.54
C LEU A 73 18.86 -26.25 -11.09
N GLY A 74 19.75 -26.07 -12.05
CA GLY A 74 21.14 -25.83 -11.73
C GLY A 74 21.46 -24.36 -11.79
N GLY A 75 20.43 -23.53 -11.95
CA GLY A 75 20.63 -22.10 -12.00
C GLY A 75 20.83 -21.48 -10.63
N ASN A 76 20.95 -20.16 -10.57
CA ASN A 76 21.14 -19.47 -9.31
C ASN A 76 19.99 -19.74 -8.33
N ASN A 77 18.76 -19.55 -8.79
CA ASN A 77 17.58 -19.74 -7.94
C ASN A 77 17.29 -21.20 -7.66
N GLY A 78 17.30 -22.02 -8.71
CA GLY A 78 17.01 -23.44 -8.52
C GLY A 78 17.85 -24.09 -7.45
N SER A 79 19.14 -23.81 -7.47
CA SER A 79 20.07 -24.37 -6.48
C SER A 79 19.86 -23.72 -5.11
N THR A 80 19.72 -22.39 -5.10
CA THR A 80 19.47 -21.69 -3.85
C THR A 80 18.18 -22.25 -3.26
N LEU A 81 17.20 -22.54 -4.11
CA LEU A 81 15.93 -23.10 -3.66
C LEU A 81 16.19 -24.38 -2.90
N VAL A 82 16.90 -25.30 -3.54
CA VAL A 82 17.18 -26.58 -2.89
C VAL A 82 18.01 -26.39 -1.63
N ALA A 83 18.95 -25.46 -1.67
CA ALA A 83 19.79 -25.19 -0.51
C ALA A 83 18.93 -24.85 0.69
N SER A 84 18.15 -23.78 0.57
CA SER A 84 17.28 -23.29 1.64
C SER A 84 16.39 -24.37 2.23
N VAL A 85 15.93 -25.29 1.39
CA VAL A 85 15.08 -26.34 1.88
C VAL A 85 15.89 -27.26 2.78
N LEU A 86 17.06 -27.64 2.30
CA LEU A 86 17.96 -28.53 3.03
C LEU A 86 18.39 -27.87 4.32
N ALA A 87 18.79 -26.61 4.19
CA ALA A 87 19.24 -25.80 5.31
C ALA A 87 18.15 -25.73 6.39
N ASN A 88 16.97 -25.22 6.02
CA ASN A 88 15.88 -25.09 6.99
C ASN A 88 15.31 -26.42 7.43
N LYS A 89 15.21 -27.37 6.52
CA LYS A 89 14.64 -28.65 6.91
C LYS A 89 15.46 -29.30 8.00
N HIS A 90 16.79 -29.22 7.89
CA HIS A 90 17.66 -29.82 8.88
C HIS A 90 18.36 -28.82 9.76
N ASN A 91 17.71 -27.69 10.00
CA ASN A 91 18.25 -26.63 10.85
C ASN A 91 19.76 -26.57 10.77
N VAL A 92 20.32 -26.38 9.60
CA VAL A 92 21.77 -26.33 9.49
C VAL A 92 22.37 -24.94 9.65
N GLU A 93 22.74 -24.60 10.88
CA GLU A 93 23.35 -23.31 11.14
C GLU A 93 24.62 -23.30 10.32
N PHE A 94 25.19 -22.12 10.09
CA PHE A 94 26.43 -21.97 9.34
C PHE A 94 27.18 -20.75 9.88
N GLN A 95 28.44 -20.60 9.47
CA GLN A 95 29.25 -19.50 9.96
C GLN A 95 29.34 -18.31 9.02
N THR A 96 29.37 -17.13 9.63
CA THR A 96 29.45 -15.89 8.89
C THR A 96 30.48 -15.05 9.60
N LYS A 97 30.95 -14.00 8.94
CA LYS A 97 31.90 -13.11 9.58
C LYS A 97 31.09 -12.43 10.69
N GLU A 98 29.81 -12.76 10.73
CA GLU A 98 28.89 -12.23 11.72
C GLU A 98 28.61 -13.24 12.82
N GLY A 99 28.97 -14.49 12.57
CA GLY A 99 28.72 -15.50 13.58
C GLY A 99 27.81 -16.59 13.09
N VAL A 100 27.51 -17.54 13.97
CA VAL A 100 26.64 -18.65 13.61
C VAL A 100 25.24 -18.15 13.33
N LYS A 101 24.81 -18.33 12.09
CA LYS A 101 23.48 -17.90 11.66
C LYS A 101 22.55 -19.10 11.62
N GLN A 102 21.26 -18.84 11.77
CA GLN A 102 20.25 -19.89 11.71
C GLN A 102 19.51 -19.80 10.39
N PRO A 103 19.14 -20.95 9.81
CA PRO A 103 18.41 -21.00 8.55
C PRO A 103 17.03 -20.37 8.71
N ASN A 104 16.55 -19.72 7.66
CA ASN A 104 15.23 -19.12 7.70
C ASN A 104 14.69 -18.95 6.29
N TYR A 105 13.57 -18.24 6.17
CA TYR A 105 12.95 -18.01 4.88
C TYR A 105 12.61 -16.55 4.67
N PHE A 106 13.36 -15.65 5.32
CA PHE A 106 13.10 -14.23 5.16
C PHE A 106 12.94 -13.96 3.68
N GLY A 107 11.92 -13.18 3.32
CA GLY A 107 11.64 -12.87 1.93
C GLY A 107 10.43 -13.67 1.51
N SER A 108 10.12 -14.70 2.29
CA SER A 108 8.98 -15.55 2.03
C SER A 108 7.74 -14.94 2.68
N MET A 109 6.82 -14.46 1.86
CA MET A 109 5.61 -13.85 2.38
C MET A 109 4.69 -14.88 3.06
N THR A 110 4.72 -16.13 2.60
CA THR A 110 3.86 -17.14 3.20
C THR A 110 4.47 -17.72 4.45
N GLN A 111 5.78 -17.52 4.62
CA GLN A 111 6.48 -18.10 5.75
C GLN A 111 6.86 -17.13 6.82
N CYS A 112 7.24 -15.93 6.41
CA CYS A 112 7.66 -14.92 7.37
C CYS A 112 6.80 -13.67 7.38
N SER A 113 5.54 -13.81 6.96
CA SER A 113 4.61 -12.69 6.91
C SER A 113 3.37 -12.97 7.76
N THR A 114 2.76 -11.91 8.31
CA THR A 114 1.58 -12.05 9.17
C THR A 114 0.33 -11.31 8.66
N LEU A 115 -0.84 -11.86 8.98
CA LEU A 115 -2.11 -11.28 8.60
C LEU A 115 -2.84 -10.89 9.88
N LYS A 116 -3.60 -9.81 9.84
CA LYS A 116 -4.34 -9.35 11.01
C LYS A 116 -5.68 -10.05 11.14
N LEU A 117 -5.90 -10.66 12.31
CA LEU A 117 -7.13 -11.38 12.58
C LEU A 117 -8.20 -10.51 13.24
N GLY A 118 -7.79 -9.32 13.65
CA GLY A 118 -8.71 -8.40 14.30
C GLY A 118 -8.05 -7.74 15.47
N ILE A 119 -8.85 -7.39 16.48
CA ILE A 119 -8.32 -6.75 17.67
C ILE A 119 -8.32 -7.70 18.86
N ASP A 120 -7.69 -7.26 19.94
CA ASP A 120 -7.58 -8.07 21.14
C ASP A 120 -8.47 -7.56 22.25
N ALA A 121 -8.13 -8.01 23.45
CA ALA A 121 -8.86 -7.63 24.64
C ALA A 121 -8.83 -6.12 24.91
N GLU A 122 -8.62 -5.30 23.88
CA GLU A 122 -8.59 -3.85 24.06
C GLU A 122 -8.36 -2.99 22.82
N GLY A 123 -8.77 -3.49 21.66
CA GLY A 123 -8.60 -2.72 20.43
C GLY A 123 -7.19 -2.65 19.88
N ASN A 124 -6.33 -3.55 20.33
CA ASN A 124 -4.94 -3.59 19.86
C ASN A 124 -4.72 -4.76 18.91
N ASP A 125 -4.63 -4.41 17.63
CA ASP A 125 -4.44 -5.37 16.55
C ASP A 125 -3.69 -6.64 16.92
N VAL A 126 -4.21 -7.77 16.45
CA VAL A 126 -3.57 -9.04 16.70
C VAL A 126 -3.27 -9.73 15.39
N TYR A 127 -1.98 -10.04 15.17
CA TYR A 127 -1.57 -10.69 13.95
C TYR A 127 -1.20 -12.14 14.13
N ALA A 128 -1.45 -12.92 13.09
CA ALA A 128 -1.11 -14.32 13.09
C ALA A 128 -0.35 -14.56 11.79
N PRO A 129 0.45 -15.64 11.74
CA PRO A 129 1.23 -15.98 10.55
C PRO A 129 0.34 -16.28 9.34
N PHE A 130 0.68 -15.69 8.21
CA PHE A 130 -0.05 -15.87 6.95
C PHE A 130 -0.37 -17.36 6.75
N ASN A 131 0.61 -18.21 6.98
CA ASN A 131 0.45 -19.64 6.82
C ASN A 131 -0.22 -20.34 7.99
N SER A 132 -0.81 -19.58 8.90
CA SER A 132 -1.46 -20.21 10.05
C SER A 132 -2.98 -20.32 9.94
N LEU A 133 -3.59 -19.40 9.18
CA LEU A 133 -5.03 -19.39 9.00
C LEU A 133 -5.58 -20.77 8.62
N LEU A 134 -5.15 -21.25 7.46
CA LEU A 134 -5.57 -22.55 6.96
C LEU A 134 -4.30 -23.39 6.71
N PRO A 135 -4.44 -24.72 6.74
CA PRO A 135 -3.25 -25.55 6.51
C PRO A 135 -2.61 -25.38 5.14
N MET A 136 -1.32 -25.05 5.16
CA MET A 136 -0.54 -24.87 3.94
C MET A 136 0.68 -25.79 4.05
N VAL A 137 1.18 -26.23 2.90
CA VAL A 137 2.36 -27.09 2.85
C VAL A 137 3.61 -26.27 3.08
N SER A 138 4.51 -26.73 3.94
CA SER A 138 5.72 -25.97 4.19
C SER A 138 6.86 -26.32 3.25
N PRO A 139 7.68 -25.32 2.89
CA PRO A 139 8.81 -25.54 2.00
C PRO A 139 9.70 -26.68 2.47
N ASN A 140 9.71 -26.93 3.78
CA ASN A 140 10.50 -28.01 4.36
C ASN A 140 9.94 -29.35 3.99
N ASP A 141 8.91 -29.35 3.17
CA ASP A 141 8.32 -30.62 2.78
C ASP A 141 8.38 -30.80 1.27
N PHE A 142 9.01 -29.85 0.61
CA PHE A 142 9.17 -29.93 -0.83
C PHE A 142 10.16 -31.03 -1.17
N VAL A 143 9.93 -31.71 -2.30
CA VAL A 143 10.84 -32.75 -2.76
C VAL A 143 11.33 -32.21 -4.11
N VAL A 144 12.36 -31.37 -4.07
CA VAL A 144 12.89 -30.73 -5.26
C VAL A 144 13.73 -31.64 -6.17
N SER A 145 13.54 -31.41 -7.47
CA SER A 145 14.25 -32.11 -8.53
C SER A 145 13.99 -31.27 -9.75
N GLY A 146 14.27 -31.79 -10.95
CA GLY A 146 14.02 -30.98 -12.13
C GLY A 146 14.90 -31.28 -13.31
N TRP A 147 15.01 -30.31 -14.22
CA TRP A 147 15.80 -30.45 -15.43
C TRP A 147 16.76 -29.30 -15.58
N ASP A 148 17.74 -29.47 -16.45
CA ASP A 148 18.72 -28.45 -16.74
C ASP A 148 19.59 -28.86 -17.91
N ILE A 149 19.87 -27.91 -18.82
CA ILE A 149 20.69 -28.19 -20.00
C ILE A 149 22.16 -28.45 -19.65
N ASN A 150 22.46 -28.44 -18.35
CA ASN A 150 23.81 -28.69 -17.86
C ASN A 150 23.75 -29.65 -16.67
N ASN A 151 24.59 -30.68 -16.72
CA ASN A 151 24.65 -31.72 -15.70
C ASN A 151 25.34 -31.33 -14.39
N ALA A 152 25.82 -30.11 -14.29
CA ALA A 152 26.48 -29.68 -13.07
C ALA A 152 25.63 -30.15 -11.88
N ASP A 153 26.22 -30.88 -10.94
CA ASP A 153 25.42 -31.30 -9.78
C ASP A 153 25.12 -30.02 -8.99
N LEU A 154 24.10 -30.07 -8.15
CA LEU A 154 23.71 -28.88 -7.41
C LEU A 154 24.78 -28.25 -6.54
N TYR A 155 25.73 -29.04 -6.05
CA TYR A 155 26.79 -28.45 -5.23
C TYR A 155 27.62 -27.55 -6.15
N GLU A 156 28.00 -28.06 -7.30
CA GLU A 156 28.78 -27.29 -8.26
C GLU A 156 28.00 -26.04 -8.64
N ALA A 157 26.69 -26.22 -8.78
CA ALA A 157 25.79 -25.14 -9.13
C ALA A 157 25.91 -24.04 -8.09
N MET A 158 26.00 -24.42 -6.83
CA MET A 158 26.16 -23.43 -5.76
C MET A 158 27.42 -22.63 -5.96
N GLN A 159 28.55 -23.33 -6.06
CA GLN A 159 29.83 -22.65 -6.25
C GLN A 159 29.72 -21.71 -7.42
N ARG A 160 29.34 -22.29 -8.56
CA ARG A 160 29.19 -21.56 -9.81
C ARG A 160 28.32 -20.33 -9.65
N SER A 161 27.23 -20.47 -8.90
CA SER A 161 26.28 -19.38 -8.65
C SER A 161 26.80 -18.24 -7.78
N GLN A 162 27.54 -18.59 -6.72
CA GLN A 162 28.12 -17.61 -5.79
C GLN A 162 27.09 -16.76 -5.04
N VAL A 163 26.08 -17.42 -4.46
CA VAL A 163 25.02 -16.72 -3.74
C VAL A 163 25.05 -16.93 -2.23
N LEU A 164 25.27 -18.18 -1.81
CA LEU A 164 25.34 -18.55 -0.39
C LEU A 164 26.72 -18.47 0.28
N GLU A 165 26.68 -18.38 1.61
CA GLU A 165 27.88 -18.34 2.42
C GLU A 165 28.75 -19.56 2.14
N TYR A 166 30.03 -19.32 1.86
CA TYR A 166 30.96 -20.41 1.59
C TYR A 166 30.87 -21.53 2.64
N ASP A 167 30.70 -21.15 3.91
CA ASP A 167 30.60 -22.18 4.95
C ASP A 167 29.29 -22.93 4.74
N LEU A 168 28.22 -22.20 4.45
CA LEU A 168 26.92 -22.84 4.22
C LEU A 168 27.02 -23.84 3.09
N GLN A 169 27.54 -23.40 1.94
CA GLN A 169 27.69 -24.30 0.80
C GLN A 169 28.46 -25.53 1.26
N GLN A 170 29.55 -25.30 2.00
CA GLN A 170 30.37 -26.40 2.48
C GLN A 170 29.53 -27.38 3.28
N ARG A 171 28.75 -26.88 4.22
CA ARG A 171 27.91 -27.77 5.01
C ARG A 171 26.89 -28.55 4.14
N LEU A 172 26.36 -27.90 3.11
CA LEU A 172 25.38 -28.53 2.23
C LEU A 172 26.02 -29.40 1.14
N LYS A 173 27.32 -29.19 0.91
CA LYS A 173 28.08 -29.94 -0.10
C LYS A 173 27.72 -31.41 -0.28
N ALA A 174 27.97 -32.22 0.75
CA ALA A 174 27.71 -33.66 0.67
C ALA A 174 26.33 -34.01 0.10
N LYS A 175 25.29 -33.37 0.61
CA LYS A 175 23.93 -33.65 0.15
C LYS A 175 23.64 -33.01 -1.20
N MET A 176 24.08 -31.78 -1.37
CA MET A 176 23.86 -31.04 -2.60
C MET A 176 24.48 -31.72 -3.81
N SER A 177 25.54 -32.48 -3.55
CA SER A 177 26.24 -33.16 -4.62
C SER A 177 25.40 -34.25 -5.27
N LEU A 178 24.68 -35.00 -4.43
CA LEU A 178 23.85 -36.10 -4.90
C LEU A 178 22.67 -35.63 -5.73
N VAL A 179 22.42 -34.32 -5.74
CA VAL A 179 21.31 -33.81 -6.52
C VAL A 179 21.83 -33.40 -7.89
N LYS A 180 21.39 -34.11 -8.92
CA LYS A 180 21.84 -33.77 -10.27
C LYS A 180 20.62 -33.56 -11.18
N PRO A 181 20.56 -32.41 -11.86
CA PRO A 181 19.43 -32.13 -12.75
C PRO A 181 19.33 -33.06 -13.94
N LEU A 182 18.09 -33.38 -14.35
CA LEU A 182 17.82 -34.24 -15.50
C LEU A 182 18.11 -33.52 -16.81
N PRO A 183 18.29 -34.26 -17.92
CA PRO A 183 18.58 -33.58 -19.19
C PRO A 183 17.32 -32.84 -19.61
N SER A 184 17.50 -31.67 -20.20
CA SER A 184 16.35 -30.88 -20.61
C SER A 184 16.22 -30.89 -22.12
N ILE A 185 15.63 -29.82 -22.65
CA ILE A 185 15.40 -29.69 -24.07
C ILE A 185 16.09 -28.43 -24.56
N TYR A 186 17.04 -28.59 -25.47
CA TYR A 186 17.77 -27.45 -25.99
C TYR A 186 17.40 -27.19 -27.45
N TYR A 187 16.80 -26.04 -27.71
CA TYR A 187 16.45 -25.63 -29.06
C TYR A 187 17.21 -24.32 -29.18
N PRO A 188 18.49 -24.40 -29.58
CA PRO A 188 19.44 -23.30 -29.76
C PRO A 188 18.85 -21.94 -30.07
N ASP A 189 18.07 -21.88 -31.16
CA ASP A 189 17.48 -20.62 -31.62
C ASP A 189 16.49 -19.90 -30.72
N PHE A 190 16.19 -20.48 -29.55
CA PHE A 190 15.24 -19.83 -28.65
C PHE A 190 15.85 -19.04 -27.49
N ILE A 191 17.16 -18.83 -27.50
CA ILE A 191 17.81 -18.04 -26.44
C ILE A 191 19.11 -17.37 -26.86
N ALA A 192 20.24 -17.84 -26.34
CA ALA A 192 21.54 -17.26 -26.68
C ALA A 192 22.62 -18.32 -26.93
N ALA A 193 23.63 -17.94 -27.70
CA ALA A 193 24.73 -18.84 -28.03
C ALA A 193 25.79 -18.87 -26.93
N ASN A 194 25.88 -17.77 -26.16
CA ASN A 194 26.86 -17.69 -25.06
C ASN A 194 26.53 -18.80 -24.07
N GLN A 195 25.28 -19.26 -24.13
CA GLN A 195 24.74 -20.30 -23.27
C GLN A 195 24.59 -21.59 -24.06
N ASP A 196 25.41 -21.75 -25.08
CA ASP A 196 25.37 -22.92 -25.95
C ASP A 196 26.37 -24.01 -25.51
N GLU A 197 27.62 -23.63 -25.25
CA GLU A 197 28.65 -24.59 -24.82
C GLU A 197 28.37 -25.05 -23.40
N ARG A 198 27.18 -24.73 -22.88
CA ARG A 198 26.79 -25.08 -21.53
C ARG A 198 25.85 -26.27 -21.54
N ALA A 199 25.33 -26.57 -22.72
CA ALA A 199 24.39 -27.66 -22.90
C ALA A 199 25.00 -29.04 -23.09
N ASN A 200 25.16 -29.76 -22.00
CA ASN A 200 25.71 -31.10 -22.04
C ASN A 200 24.75 -32.03 -21.31
N ASN A 201 23.48 -31.62 -21.24
CA ASN A 201 22.44 -32.38 -20.55
C ASN A 201 21.13 -32.27 -21.32
N CYS A 202 21.14 -32.70 -22.58
CA CYS A 202 19.97 -32.60 -23.43
C CYS A 202 19.32 -33.95 -23.75
N ILE A 203 18.06 -33.92 -24.17
CA ILE A 203 17.38 -35.16 -24.55
C ILE A 203 16.92 -35.12 -26.01
N ASN A 204 17.22 -34.02 -26.71
CA ASN A 204 16.86 -33.91 -28.12
C ASN A 204 18.14 -34.09 -28.96
N LEU A 205 18.54 -35.36 -29.08
CA LEU A 205 19.76 -35.73 -29.78
C LEU A 205 19.54 -36.85 -30.79
N ASP A 206 20.24 -36.76 -31.92
CA ASP A 206 20.14 -37.78 -32.95
C ASP A 206 21.17 -38.87 -32.66
N GLU A 207 21.36 -39.82 -33.58
CA GLU A 207 22.31 -40.91 -33.35
C GLU A 207 23.71 -40.34 -33.13
N LYS A 208 23.95 -39.17 -33.73
CA LYS A 208 25.23 -38.49 -33.59
C LYS A 208 25.13 -37.44 -32.50
N GLY A 209 24.64 -37.86 -31.34
CA GLY A 209 24.48 -36.99 -30.18
C GLY A 209 24.61 -35.50 -30.45
N ASN A 210 23.80 -34.99 -31.35
CA ASN A 210 23.83 -33.57 -31.68
C ASN A 210 22.45 -32.96 -31.57
N VAL A 211 22.39 -31.78 -30.97
CA VAL A 211 21.13 -31.08 -30.79
C VAL A 211 20.30 -31.14 -32.08
N THR A 212 19.00 -31.32 -31.92
CA THR A 212 18.08 -31.41 -33.04
C THR A 212 16.67 -31.02 -32.62
N THR A 213 16.15 -29.95 -33.22
CA THR A 213 14.81 -29.47 -32.89
C THR A 213 13.77 -30.34 -33.59
N ARG A 214 14.13 -31.61 -33.81
CA ARG A 214 13.26 -32.57 -34.50
C ARG A 214 12.96 -33.78 -33.64
N GLY A 215 11.67 -34.04 -33.45
CA GLY A 215 11.21 -35.15 -32.64
C GLY A 215 10.51 -34.63 -31.40
N LYS A 216 10.15 -33.35 -31.46
CA LYS A 216 9.48 -32.62 -30.37
C LYS A 216 8.41 -33.40 -29.62
N TRP A 217 7.50 -34.03 -30.35
CA TRP A 217 6.44 -34.81 -29.71
C TRP A 217 7.02 -35.94 -28.87
N THR A 218 8.23 -36.37 -29.21
CA THR A 218 8.90 -37.44 -28.47
C THR A 218 9.37 -36.88 -27.14
N HIS A 219 9.97 -35.69 -27.22
CA HIS A 219 10.47 -34.96 -26.07
C HIS A 219 9.27 -34.73 -25.15
N LEU A 220 8.18 -34.28 -25.75
CA LEU A 220 6.94 -34.02 -25.03
C LEU A 220 6.56 -35.24 -24.22
N GLN A 221 6.74 -36.42 -24.81
CA GLN A 221 6.43 -37.68 -24.18
C GLN A 221 7.51 -38.05 -23.16
N ARG A 222 8.72 -37.57 -23.39
CA ARG A 222 9.84 -37.83 -22.48
C ARG A 222 9.61 -37.06 -21.18
N ILE A 223 9.43 -35.75 -21.30
CA ILE A 223 9.18 -34.90 -20.15
C ILE A 223 8.02 -35.47 -19.31
N ARG A 224 6.94 -35.84 -19.98
CA ARG A 224 5.79 -36.39 -19.30
C ARG A 224 6.21 -37.61 -18.50
N ARG A 225 7.11 -38.41 -19.06
CA ARG A 225 7.58 -39.60 -18.36
C ARG A 225 8.47 -39.19 -17.16
N ASP A 226 9.28 -38.17 -17.34
CA ASP A 226 10.13 -37.68 -16.27
C ASP A 226 9.23 -37.47 -15.06
N ILE A 227 8.22 -36.63 -15.25
CA ILE A 227 7.23 -36.32 -14.23
C ILE A 227 6.73 -37.58 -13.53
N GLN A 228 6.27 -38.54 -14.32
CA GLN A 228 5.74 -39.79 -13.78
C GLN A 228 6.76 -40.51 -12.92
N ASN A 229 7.96 -40.70 -13.46
CA ASN A 229 9.04 -41.39 -12.73
C ASN A 229 9.33 -40.68 -11.40
N PHE A 230 9.50 -39.36 -11.47
CA PHE A 230 9.76 -38.55 -10.27
C PHE A 230 8.75 -38.92 -9.19
N LYS A 231 7.48 -38.80 -9.55
CA LYS A 231 6.39 -39.12 -8.65
C LYS A 231 6.54 -40.43 -7.89
N GLU A 232 6.51 -41.52 -8.63
CA GLU A 232 6.59 -42.85 -8.04
C GLU A 232 7.87 -43.19 -7.32
N GLU A 233 8.98 -42.55 -7.71
CA GLU A 233 10.28 -42.80 -7.08
C GLU A 233 10.38 -42.18 -5.70
N ASN A 234 9.56 -41.16 -5.46
CA ASN A 234 9.54 -40.48 -4.17
C ASN A 234 8.26 -40.81 -3.40
N ALA A 235 7.34 -41.51 -4.06
CA ALA A 235 6.06 -41.90 -3.45
C ALA A 235 5.19 -40.67 -3.23
N LEU A 236 5.26 -39.74 -4.20
CA LEU A 236 4.52 -38.50 -4.17
C LEU A 236 3.15 -38.65 -4.83
N ASP A 237 2.27 -37.69 -4.53
CA ASP A 237 0.93 -37.66 -5.08
C ASP A 237 0.74 -36.36 -5.85
N LYS A 238 1.28 -35.27 -5.29
CA LYS A 238 1.16 -33.98 -5.93
C LYS A 238 2.52 -33.47 -6.41
N VAL A 239 2.51 -32.78 -7.55
CA VAL A 239 3.73 -32.26 -8.12
C VAL A 239 3.42 -30.92 -8.80
N ILE A 240 4.34 -29.98 -8.67
CA ILE A 240 4.14 -28.70 -9.31
C ILE A 240 5.38 -28.48 -10.15
N VAL A 241 5.24 -27.81 -11.29
CA VAL A 241 6.38 -27.57 -12.14
C VAL A 241 6.54 -26.09 -12.33
N LEU A 242 7.76 -25.61 -12.20
CA LEU A 242 8.02 -24.18 -12.35
C LEU A 242 9.22 -23.93 -13.23
N TRP A 243 9.01 -23.12 -14.26
CA TRP A 243 10.07 -22.79 -15.18
C TRP A 243 10.84 -21.61 -14.64
N THR A 244 12.07 -21.88 -14.20
CA THR A 244 12.93 -20.84 -13.67
C THR A 244 14.22 -20.92 -14.47
N ALA A 245 14.10 -21.36 -15.72
CA ALA A 245 15.25 -21.50 -16.62
C ALA A 245 15.53 -20.21 -17.35
N ASN A 246 16.38 -20.27 -18.35
CA ASN A 246 16.72 -19.08 -19.11
C ASN A 246 15.54 -18.51 -19.90
N THR A 247 15.66 -17.25 -20.28
CA THR A 247 14.63 -16.59 -21.03
C THR A 247 14.70 -16.92 -22.50
N GLU A 248 13.60 -17.49 -23.01
CA GLU A 248 13.49 -17.84 -24.41
C GLU A 248 13.09 -16.56 -25.12
N ARG A 249 12.65 -16.68 -26.38
CA ARG A 249 12.20 -15.54 -27.16
C ARG A 249 10.72 -15.76 -27.36
N TYR A 250 9.96 -14.67 -27.46
CA TYR A 250 8.53 -14.82 -27.66
C TYR A 250 8.24 -15.67 -28.88
N VAL A 251 7.11 -16.35 -28.87
CA VAL A 251 6.74 -17.18 -30.01
C VAL A 251 5.61 -16.51 -30.77
N GLU A 252 5.84 -16.29 -32.06
CA GLU A 252 4.87 -15.67 -32.95
C GLU A 252 3.58 -16.50 -32.93
N VAL A 253 2.51 -15.97 -32.34
CA VAL A 253 1.24 -16.70 -32.30
C VAL A 253 0.58 -16.52 -33.66
N SER A 254 0.41 -17.63 -34.38
CA SER A 254 -0.19 -17.60 -35.69
C SER A 254 -1.35 -18.58 -35.77
N PRO A 255 -2.38 -18.25 -36.56
CA PRO A 255 -3.53 -19.16 -36.67
C PRO A 255 -3.12 -20.51 -37.27
N GLY A 256 -3.89 -21.55 -36.96
CA GLY A 256 -3.59 -22.87 -37.48
C GLY A 256 -2.46 -23.55 -36.75
N VAL A 257 -1.54 -22.75 -36.21
CA VAL A 257 -0.37 -23.24 -35.49
C VAL A 257 -0.63 -23.44 -33.99
N ASN A 258 -0.36 -22.40 -33.20
CA ASN A 258 -0.54 -22.43 -31.75
C ASN A 258 -1.70 -21.54 -31.30
N ASP A 259 -2.72 -21.39 -32.15
CA ASP A 259 -3.88 -20.57 -31.83
C ASP A 259 -5.00 -21.35 -31.12
N THR A 260 -4.96 -22.66 -31.24
CA THR A 260 -5.97 -23.52 -30.63
C THR A 260 -5.35 -24.85 -30.19
N MET A 261 -5.93 -25.42 -29.14
CA MET A 261 -5.46 -26.69 -28.58
C MET A 261 -4.89 -27.68 -29.59
N GLU A 262 -5.76 -28.38 -30.32
CA GLU A 262 -5.32 -29.39 -31.29
C GLU A 262 -4.18 -28.93 -32.19
N ASN A 263 -4.29 -27.71 -32.71
CA ASN A 263 -3.25 -27.18 -33.58
C ASN A 263 -1.90 -27.15 -32.88
N LEU A 264 -1.88 -26.64 -31.65
CA LEU A 264 -0.64 -26.59 -30.88
C LEU A 264 -0.10 -28.02 -30.76
N LEU A 265 -0.96 -28.93 -30.31
CA LEU A 265 -0.59 -30.33 -30.15
C LEU A 265 -0.03 -30.90 -31.46
N GLN A 266 -0.51 -30.38 -32.59
CA GLN A 266 -0.03 -30.83 -33.88
C GLN A 266 1.23 -30.07 -34.27
N SER A 267 1.21 -28.74 -34.13
CA SER A 267 2.39 -27.94 -34.44
C SER A 267 3.57 -28.52 -33.66
N ILE A 268 3.24 -29.30 -32.63
CA ILE A 268 4.24 -29.98 -31.81
C ILE A 268 4.65 -31.24 -32.56
N LYS A 269 3.66 -32.07 -32.88
CA LYS A 269 3.92 -33.31 -33.60
C LYS A 269 4.63 -32.99 -34.92
N ASN A 270 4.45 -31.75 -35.38
CA ASN A 270 5.03 -31.28 -36.64
C ASN A 270 6.39 -30.59 -36.52
N ASP A 271 6.89 -30.43 -35.29
CA ASP A 271 8.17 -29.76 -35.09
C ASP A 271 8.12 -28.37 -35.72
N HIS A 272 7.19 -27.53 -35.26
CA HIS A 272 7.07 -26.19 -35.81
C HIS A 272 8.07 -25.26 -35.14
N GLU A 273 8.67 -24.39 -35.94
CA GLU A 273 9.67 -23.44 -35.44
C GLU A 273 9.14 -22.50 -34.36
N GLU A 274 7.87 -22.67 -33.99
CA GLU A 274 7.28 -21.83 -32.95
C GLU A 274 7.17 -22.57 -31.63
N ILE A 275 7.17 -23.90 -31.70
CA ILE A 275 7.09 -24.70 -30.49
C ILE A 275 8.42 -24.53 -29.75
N ALA A 276 8.38 -23.93 -28.55
CA ALA A 276 9.59 -23.71 -27.77
C ALA A 276 9.78 -24.77 -26.70
N PRO A 277 10.97 -24.80 -26.06
CA PRO A 277 11.21 -25.80 -25.02
C PRO A 277 10.16 -25.71 -23.90
N SER A 278 9.89 -24.50 -23.43
CA SER A 278 8.91 -24.27 -22.37
C SER A 278 7.52 -24.77 -22.78
N THR A 279 7.17 -24.55 -24.04
CA THR A 279 5.88 -24.99 -24.56
C THR A 279 5.75 -26.50 -24.37
N ILE A 280 6.81 -27.23 -24.67
CA ILE A 280 6.82 -28.68 -24.51
C ILE A 280 6.61 -29.00 -23.04
N PHE A 281 7.32 -28.29 -22.17
CA PHE A 281 7.20 -28.51 -20.73
C PHE A 281 5.80 -28.18 -20.23
N ALA A 282 5.28 -27.03 -20.69
CA ALA A 282 3.95 -26.58 -20.32
C ALA A 282 2.94 -27.64 -20.75
N ALA A 283 2.99 -28.02 -22.03
CA ALA A 283 2.08 -29.04 -22.55
C ALA A 283 2.28 -30.33 -21.74
N ALA A 284 3.54 -30.69 -21.55
CA ALA A 284 3.88 -31.89 -20.80
C ALA A 284 3.36 -31.78 -19.36
N SER A 285 3.63 -30.64 -18.74
CA SER A 285 3.17 -30.39 -17.38
C SER A 285 1.63 -30.57 -17.37
N ILE A 286 0.98 -29.77 -18.21
CA ILE A 286 -0.47 -29.79 -18.34
C ILE A 286 -1.00 -31.20 -18.58
N LEU A 287 -0.56 -31.82 -19.68
CA LEU A 287 -1.01 -33.17 -20.01
C LEU A 287 -0.84 -34.17 -18.91
N GLU A 288 -0.03 -33.86 -17.88
CA GLU A 288 0.15 -34.80 -16.78
C GLU A 288 -0.66 -34.37 -15.57
N GLY A 289 -1.34 -33.24 -15.71
CA GLY A 289 -2.17 -32.74 -14.63
C GLY A 289 -1.44 -32.04 -13.52
N VAL A 290 -0.18 -31.69 -13.75
CA VAL A 290 0.59 -30.99 -12.72
C VAL A 290 0.57 -29.52 -13.04
N PRO A 291 0.33 -28.68 -12.04
CA PRO A 291 0.31 -27.24 -12.32
C PRO A 291 1.66 -26.81 -12.93
N TYR A 292 1.67 -25.72 -13.69
CA TYR A 292 2.89 -25.23 -14.32
C TYR A 292 2.97 -23.71 -14.15
N ILE A 293 4.14 -23.24 -13.71
CA ILE A 293 4.34 -21.82 -13.47
C ILE A 293 5.50 -21.24 -14.30
N ASN A 294 5.23 -20.20 -15.08
CA ASN A 294 6.26 -19.59 -15.91
C ASN A 294 6.98 -18.46 -15.20
N GLY A 295 8.13 -18.77 -14.62
CA GLY A 295 8.91 -17.77 -13.90
C GLY A 295 9.82 -16.92 -14.78
N SER A 296 9.60 -16.99 -16.09
CA SER A 296 10.39 -16.21 -17.05
C SER A 296 9.48 -15.35 -17.91
N PRO A 297 10.02 -14.27 -18.49
CA PRO A 297 9.26 -13.34 -19.33
C PRO A 297 8.58 -13.86 -20.60
N GLN A 298 9.23 -14.77 -21.32
CA GLN A 298 8.64 -15.28 -22.56
C GLN A 298 7.19 -15.76 -22.40
N ASN A 299 6.38 -15.57 -23.44
CA ASN A 299 4.98 -15.95 -23.46
C ASN A 299 4.77 -17.41 -23.83
N THR A 300 4.90 -18.32 -22.88
CA THR A 300 4.72 -19.72 -23.23
C THR A 300 3.25 -20.12 -23.28
N PHE A 301 2.39 -19.36 -22.61
CA PHE A 301 0.99 -19.68 -22.57
C PHE A 301 0.21 -19.11 -23.75
N VAL A 302 0.57 -19.56 -24.94
CA VAL A 302 -0.10 -19.12 -26.15
C VAL A 302 -1.54 -19.61 -26.06
N PRO A 303 -2.46 -18.96 -26.78
CA PRO A 303 -3.88 -19.34 -26.76
C PRO A 303 -4.16 -20.83 -26.76
N GLY A 304 -3.48 -21.56 -27.65
CA GLY A 304 -3.69 -22.99 -27.76
C GLY A 304 -3.33 -23.76 -26.51
N LEU A 305 -2.23 -23.37 -25.89
CA LEU A 305 -1.74 -24.03 -24.68
C LEU A 305 -2.70 -23.76 -23.54
N VAL A 306 -3.26 -22.56 -23.51
CA VAL A 306 -4.21 -22.18 -22.46
C VAL A 306 -5.49 -22.99 -22.60
N GLN A 307 -5.97 -23.16 -23.83
CA GLN A 307 -7.18 -23.93 -24.09
C GLN A 307 -6.97 -25.38 -23.66
N LEU A 308 -5.73 -25.83 -23.70
CA LEU A 308 -5.40 -27.20 -23.31
C LEU A 308 -5.53 -27.31 -21.79
N ALA A 309 -5.09 -26.26 -21.12
CA ALA A 309 -5.15 -26.19 -19.66
C ALA A 309 -6.61 -26.24 -19.22
N GLU A 310 -7.49 -25.66 -20.03
CA GLU A 310 -8.91 -25.64 -19.72
C GLU A 310 -9.46 -27.03 -19.91
N HIS A 311 -9.26 -27.60 -21.09
CA HIS A 311 -9.73 -28.94 -21.37
C HIS A 311 -9.25 -29.89 -20.28
N GLU A 312 -8.00 -29.72 -19.86
CA GLU A 312 -7.41 -30.57 -18.85
C GLU A 312 -7.79 -30.30 -17.40
N GLY A 313 -8.00 -29.02 -17.07
CA GLY A 313 -8.35 -28.68 -15.71
C GLY A 313 -7.10 -28.60 -14.84
N THR A 314 -6.03 -28.09 -15.45
CA THR A 314 -4.74 -27.94 -14.78
C THR A 314 -4.56 -26.44 -14.58
N PHE A 315 -3.68 -26.05 -13.67
CA PHE A 315 -3.44 -24.63 -13.43
C PHE A 315 -2.21 -24.11 -14.15
N ILE A 316 -2.15 -22.79 -14.36
CA ILE A 316 -1.01 -22.16 -15.01
C ILE A 316 -0.78 -20.79 -14.36
N ALA A 317 0.44 -20.25 -14.44
CA ALA A 317 0.74 -18.97 -13.78
C ALA A 317 1.34 -17.84 -14.61
N GLY A 318 0.79 -16.65 -14.40
CA GLY A 318 1.20 -15.43 -15.10
C GLY A 318 2.66 -15.00 -15.15
N ASP A 319 3.22 -15.10 -16.34
CA ASP A 319 4.60 -14.79 -16.70
C ASP A 319 5.51 -13.80 -15.94
N ASP A 320 6.75 -14.24 -15.74
CA ASP A 320 7.84 -13.50 -15.11
C ASP A 320 7.79 -13.16 -13.63
N LEU A 321 8.73 -13.73 -12.87
CA LEU A 321 8.83 -13.50 -11.43
C LEU A 321 8.98 -12.03 -11.08
N LYS A 322 7.98 -11.45 -10.41
CA LYS A 322 8.03 -10.04 -10.02
C LYS A 322 9.17 -9.91 -9.02
N SER A 323 10.29 -9.35 -9.46
CA SER A 323 11.48 -9.18 -8.62
C SER A 323 11.28 -8.25 -7.44
N GLY A 324 12.37 -7.57 -7.06
CA GLY A 324 12.33 -6.65 -5.94
C GLY A 324 12.22 -5.22 -6.42
N GLN A 325 13.06 -4.84 -7.37
CA GLN A 325 13.06 -3.50 -7.93
C GLN A 325 11.69 -3.20 -8.52
N THR A 326 11.02 -4.24 -9.02
CA THR A 326 9.70 -4.09 -9.63
C THR A 326 8.63 -3.95 -8.55
N LYS A 327 8.64 -4.89 -7.60
CA LYS A 327 7.70 -4.89 -6.49
C LYS A 327 7.67 -3.50 -5.87
N LEU A 328 8.87 -2.97 -5.62
CA LEU A 328 8.99 -1.66 -5.00
C LEU A 328 8.58 -0.49 -5.90
N LYS A 329 8.37 -0.76 -7.18
CA LYS A 329 7.95 0.29 -8.10
C LYS A 329 6.43 0.39 -8.16
N SER A 330 5.74 -0.72 -7.93
CA SER A 330 4.28 -0.74 -7.96
C SER A 330 3.79 -0.46 -6.55
N VAL A 331 4.69 0.10 -5.76
CA VAL A 331 4.41 0.46 -4.39
C VAL A 331 4.70 1.93 -4.30
N LEU A 332 5.86 2.30 -4.82
CA LEU A 332 6.29 3.68 -4.80
C LEU A 332 5.44 4.49 -5.74
N ALA A 333 5.24 4.01 -6.96
CA ALA A 333 4.44 4.70 -7.96
C ALA A 333 2.97 4.78 -7.55
N GLN A 334 2.45 3.71 -6.98
CA GLN A 334 1.07 3.69 -6.53
C GLN A 334 0.91 4.81 -5.53
N PHE A 335 1.66 4.70 -4.44
CA PHE A 335 1.67 5.67 -3.38
C PHE A 335 1.58 7.12 -3.89
N LEU A 336 2.36 7.44 -4.93
CA LEU A 336 2.36 8.80 -5.47
C LEU A 336 1.07 9.21 -6.16
N VAL A 337 0.46 8.33 -6.93
CA VAL A 337 -0.78 8.68 -7.61
C VAL A 337 -1.94 8.67 -6.62
N ASP A 338 -1.76 7.96 -5.52
CA ASP A 338 -2.77 7.88 -4.47
C ASP A 338 -2.79 9.13 -3.60
N ALA A 339 -1.75 9.96 -3.69
CA ALA A 339 -1.69 11.18 -2.90
C ALA A 339 -1.84 12.40 -3.77
N GLY A 340 -2.34 12.19 -4.99
CA GLY A 340 -2.55 13.30 -5.90
C GLY A 340 -1.30 13.84 -6.52
N ILE A 341 -0.20 13.09 -6.45
CA ILE A 341 1.07 13.52 -7.03
C ILE A 341 1.20 12.90 -8.41
N LYS A 342 1.63 13.69 -9.37
CA LYS A 342 1.74 13.20 -10.73
C LYS A 342 3.13 12.85 -11.25
N PRO A 343 3.49 11.57 -11.21
CA PRO A 343 4.82 11.24 -11.71
C PRO A 343 4.80 11.41 -13.23
N VAL A 344 5.78 12.15 -13.76
CA VAL A 344 5.87 12.43 -15.19
C VAL A 344 6.97 11.64 -15.90
N SER A 345 7.94 11.16 -15.13
CA SER A 345 9.07 10.40 -15.67
C SER A 345 9.57 9.36 -14.68
N ILE A 346 10.07 8.25 -15.20
CA ILE A 346 10.59 7.18 -14.36
C ILE A 346 11.67 6.39 -15.09
N ALA A 347 12.85 6.29 -14.48
CA ALA A 347 13.95 5.56 -15.10
C ALA A 347 14.53 4.47 -14.21
N SER A 348 14.63 3.26 -14.75
CA SER A 348 15.17 2.13 -14.00
C SER A 348 16.49 1.64 -14.61
N TYR A 349 17.55 1.66 -13.82
CA TYR A 349 18.85 1.19 -14.28
C TYR A 349 19.23 0.00 -13.41
N ASN A 350 20.05 -0.91 -13.93
CA ASN A 350 20.45 -2.09 -13.15
C ASN A 350 21.48 -3.01 -13.82
N HIS A 351 22.39 -3.55 -13.00
CA HIS A 351 23.43 -4.44 -13.51
C HIS A 351 23.80 -5.56 -12.55
N VAL A 376 2.97 -1.53 -17.06
CA VAL A 376 2.99 -2.12 -15.73
C VAL A 376 2.42 -1.13 -14.72
N ILE A 377 2.49 0.15 -15.07
CA ILE A 377 1.98 1.24 -14.25
C ILE A 377 0.85 1.80 -15.09
N ASP A 378 0.59 1.14 -16.20
CA ASP A 378 -0.46 1.52 -17.13
C ASP A 378 -1.78 1.65 -16.37
N ASP A 379 -2.04 0.67 -15.51
CA ASP A 379 -3.26 0.65 -14.72
C ASP A 379 -3.19 1.62 -13.52
N ILE A 380 -2.52 2.74 -13.76
CA ILE A 380 -2.35 3.78 -12.77
C ILE A 380 -2.49 5.09 -13.53
N ILE A 381 -1.81 5.17 -14.66
CA ILE A 381 -1.91 6.36 -15.48
C ILE A 381 -3.36 6.47 -15.92
N ALA A 382 -4.04 5.33 -15.91
CA ALA A 382 -5.44 5.26 -16.33
C ALA A 382 -6.43 5.35 -15.18
N SER A 383 -5.97 5.11 -13.96
CA SER A 383 -6.86 5.16 -12.80
C SER A 383 -7.06 6.59 -12.31
N ASN A 384 -6.62 7.56 -13.09
CA ASN A 384 -6.79 8.95 -12.70
C ASN A 384 -6.65 9.89 -13.89
N ASP A 385 -7.77 10.45 -14.35
CA ASP A 385 -7.69 11.36 -15.49
C ASP A 385 -7.68 12.80 -14.98
N ILE A 386 -7.58 12.96 -13.67
CA ILE A 386 -7.51 14.27 -13.05
C ILE A 386 -6.07 14.65 -13.31
N LEU A 387 -5.23 13.64 -13.14
CA LEU A 387 -3.79 13.74 -13.36
C LEU A 387 -3.49 13.61 -14.84
N TYR A 388 -3.79 12.43 -15.40
CA TYR A 388 -3.53 12.12 -16.81
C TYR A 388 -4.71 12.26 -17.76
N ASN A 389 -4.61 13.27 -18.63
CA ASN A 389 -5.66 13.59 -19.60
C ASN A 389 -5.05 14.32 -20.81
N ASP A 390 -5.88 14.66 -21.79
CA ASP A 390 -5.40 15.35 -22.99
C ASP A 390 -4.85 16.75 -22.74
N LYS A 391 -5.32 17.40 -21.69
CA LYS A 391 -4.88 18.75 -21.35
C LYS A 391 -3.53 18.75 -20.66
N LEU A 392 -3.47 18.08 -19.51
CA LEU A 392 -2.25 18.01 -18.74
C LEU A 392 -1.26 16.97 -19.25
N GLY A 393 -1.74 16.08 -20.13
CA GLY A 393 -0.88 15.04 -20.67
C GLY A 393 -1.14 13.69 -20.00
N LYS A 394 -0.75 12.63 -20.69
CA LYS A 394 -0.95 11.29 -20.16
C LYS A 394 0.27 10.37 -20.36
N LYS A 395 1.36 10.96 -20.83
CA LYS A 395 2.59 10.20 -21.07
C LYS A 395 3.57 10.24 -19.89
N VAL A 396 3.97 9.07 -19.43
CA VAL A 396 4.93 8.92 -18.34
C VAL A 396 6.14 8.19 -18.92
N ASP A 397 7.28 8.86 -18.95
CA ASP A 397 8.50 8.27 -19.48
C ASP A 397 9.13 7.24 -18.57
N HIS A 398 9.05 5.99 -18.98
CA HIS A 398 9.65 4.91 -18.22
C HIS A 398 10.75 4.43 -19.17
N CYS A 399 11.76 3.75 -18.63
CA CYS A 399 12.85 3.24 -19.47
C CYS A 399 13.77 2.44 -18.58
N ILE A 400 13.90 1.15 -18.85
CA ILE A 400 14.77 0.30 -18.07
C ILE A 400 16.11 0.13 -18.77
N VAL A 401 17.14 -0.21 -18.00
CA VAL A 401 18.48 -0.41 -18.55
C VAL A 401 19.10 -1.56 -17.80
N ILE A 402 19.28 -2.69 -18.48
CA ILE A 402 19.87 -3.85 -17.82
C ILE A 402 21.22 -4.24 -18.42
N LYS A 403 22.27 -3.62 -17.92
CA LYS A 403 23.62 -3.90 -18.39
C LYS A 403 24.25 -4.98 -17.51
N TYR A 404 25.19 -5.73 -18.08
CA TYR A 404 25.87 -6.78 -17.33
C TYR A 404 27.26 -6.31 -16.91
N MET A 405 27.67 -6.76 -15.73
CA MET A 405 28.97 -6.44 -15.13
C MET A 405 29.28 -7.64 -14.24
N LYS A 406 30.11 -8.56 -14.74
CA LYS A 406 30.45 -9.77 -13.99
C LYS A 406 31.05 -9.55 -12.59
N PRO A 407 31.81 -8.44 -12.39
CA PRO A 407 32.42 -8.18 -11.08
C PRO A 407 31.46 -8.35 -9.89
N VAL A 408 30.53 -7.40 -9.75
CA VAL A 408 29.55 -7.38 -8.67
C VAL A 408 28.91 -8.75 -8.32
N GLY A 409 28.86 -9.65 -9.29
CA GLY A 409 28.28 -10.98 -9.07
C GLY A 409 26.77 -10.98 -8.96
N ASP A 410 26.24 -11.94 -8.20
CA ASP A 410 24.80 -12.08 -7.97
C ASP A 410 24.26 -10.89 -7.19
N SER A 411 25.11 -9.88 -7.00
CA SER A 411 24.70 -8.70 -6.27
C SER A 411 24.21 -7.59 -7.16
N LYS A 412 23.10 -7.82 -7.83
CA LYS A 412 22.52 -6.81 -8.69
C LYS A 412 22.34 -5.52 -7.90
N VAL A 413 22.52 -4.41 -8.60
CA VAL A 413 22.42 -3.07 -8.05
C VAL A 413 21.39 -2.36 -8.90
N ALA A 414 20.22 -2.11 -8.32
CA ALA A 414 19.15 -1.43 -9.04
C ALA A 414 19.07 0.04 -8.61
N MET A 415 18.83 0.90 -9.59
CA MET A 415 18.74 2.34 -9.35
C MET A 415 17.50 2.87 -10.08
N ASP A 416 16.65 3.57 -9.34
CA ASP A 416 15.43 4.13 -9.90
C ASP A 416 15.31 5.60 -9.61
N GLU A 417 14.85 6.34 -10.62
CA GLU A 417 14.70 7.78 -10.53
C GLU A 417 13.25 8.14 -10.86
N TYR A 418 12.54 8.73 -9.90
CA TYR A 418 11.15 9.16 -10.08
C TYR A 418 11.07 10.68 -10.10
N TYR A 419 10.54 11.25 -11.18
CA TYR A 419 10.42 12.68 -11.26
C TYR A 419 8.95 13.03 -11.44
N SER A 420 8.29 13.31 -10.31
CA SER A 420 6.87 13.64 -10.30
C SER A 420 6.66 15.14 -10.32
N GLU A 421 5.40 15.55 -10.49
CA GLU A 421 5.06 16.97 -10.49
C GLU A 421 4.26 17.31 -9.25
N LEU A 422 4.50 18.52 -8.73
CA LEU A 422 3.78 18.99 -7.57
C LEU A 422 2.97 20.19 -8.04
N MET A 423 2.04 20.64 -7.22
CA MET A 423 1.20 21.77 -7.59
C MET A 423 2.01 23.02 -7.92
N LEU A 424 1.45 23.86 -8.77
CA LEU A 424 2.07 25.13 -9.13
C LEU A 424 3.53 25.14 -9.63
N GLY A 425 3.88 24.17 -10.48
CA GLY A 425 5.22 24.17 -11.05
C GLY A 425 6.34 23.40 -10.40
N GLY A 426 6.20 23.06 -9.13
CA GLY A 426 7.25 22.33 -8.45
C GLY A 426 7.33 20.90 -8.92
N HIS A 427 8.31 20.17 -8.41
CA HIS A 427 8.50 18.76 -8.76
C HIS A 427 9.05 18.01 -7.56
N ASN A 428 9.06 16.69 -7.66
CA ASN A 428 9.57 15.88 -6.59
C ASN A 428 10.45 14.81 -7.21
N ARG A 429 11.74 14.84 -6.89
CA ARG A 429 12.68 13.86 -7.42
C ARG A 429 13.06 12.86 -6.34
N ILE A 430 12.50 11.67 -6.45
CA ILE A 430 12.75 10.57 -5.52
C ILE A 430 13.65 9.56 -6.22
N SER A 431 14.94 9.60 -5.89
CA SER A 431 15.90 8.68 -6.48
C SER A 431 16.31 7.59 -5.50
N ILE A 432 15.87 6.37 -5.77
CA ILE A 432 16.23 5.24 -4.92
C ILE A 432 17.33 4.35 -5.52
N HIS A 433 18.27 3.98 -4.66
CA HIS A 433 19.39 3.12 -5.01
C HIS A 433 19.24 1.90 -4.11
N ASN A 434 19.24 0.71 -4.70
CA ASN A 434 19.03 -0.49 -3.91
C ASN A 434 19.81 -1.70 -4.42
N VAL A 435 20.71 -2.20 -3.57
CA VAL A 435 21.53 -3.35 -3.92
C VAL A 435 21.30 -4.53 -2.99
N CYS A 436 21.31 -5.73 -3.56
CA CYS A 436 21.11 -6.95 -2.79
C CYS A 436 21.38 -8.11 -3.74
N GLU A 437 21.15 -9.33 -3.26
CA GLU A 437 21.36 -10.55 -4.03
C GLU A 437 20.04 -11.14 -4.52
N ASP A 438 19.70 -10.86 -5.78
CA ASP A 438 18.45 -11.35 -6.38
C ASP A 438 18.02 -12.73 -5.93
N SER A 439 18.83 -13.71 -6.27
CA SER A 439 18.52 -15.09 -5.94
C SER A 439 17.98 -15.22 -4.55
N LEU A 440 18.47 -14.41 -3.63
CA LEU A 440 17.99 -14.46 -2.26
C LEU A 440 16.57 -13.89 -2.14
N LEU A 441 16.24 -12.95 -3.02
CA LEU A 441 14.91 -12.39 -3.03
C LEU A 441 14.00 -13.25 -3.92
N ALA A 442 14.55 -13.72 -5.02
CA ALA A 442 13.81 -14.52 -6.00
C ALA A 442 13.48 -15.94 -5.55
N THR A 443 14.33 -16.52 -4.70
CA THR A 443 14.09 -17.88 -4.25
C THR A 443 12.89 -17.98 -3.30
N PRO A 444 12.75 -17.05 -2.35
CA PRO A 444 11.58 -17.21 -1.48
C PRO A 444 10.26 -16.96 -2.24
N LEU A 445 10.29 -16.08 -3.23
CA LEU A 445 9.09 -15.81 -4.05
C LEU A 445 8.68 -17.06 -4.76
N ILE A 446 9.66 -17.83 -5.20
CA ILE A 446 9.40 -19.09 -5.87
C ILE A 446 8.83 -20.06 -4.85
N ILE A 447 9.33 -20.02 -3.62
CA ILE A 447 8.80 -20.89 -2.59
C ILE A 447 7.34 -20.53 -2.36
N ASP A 448 7.05 -19.23 -2.40
CA ASP A 448 5.70 -18.72 -2.20
C ASP A 448 4.72 -19.22 -3.23
N LEU A 449 5.05 -19.01 -4.50
CA LEU A 449 4.21 -19.49 -5.60
C LEU A 449 3.82 -20.94 -5.37
N LEU A 450 4.82 -21.77 -5.11
CA LEU A 450 4.60 -23.19 -4.90
C LEU A 450 3.63 -23.51 -3.76
N VAL A 451 3.81 -22.81 -2.64
CA VAL A 451 2.98 -23.01 -1.46
C VAL A 451 1.58 -22.55 -1.79
N MET A 452 1.51 -21.38 -2.42
CA MET A 452 0.23 -20.81 -2.80
C MET A 452 -0.53 -21.62 -3.86
N THR A 453 0.12 -22.05 -4.95
CA THR A 453 -0.62 -22.82 -5.95
C THR A 453 -1.03 -24.18 -5.41
N GLU A 454 -0.17 -24.83 -4.65
CA GLU A 454 -0.53 -26.12 -4.08
C GLU A 454 -1.78 -25.90 -3.25
N PHE A 455 -1.82 -24.75 -2.56
CA PHE A 455 -2.96 -24.42 -1.72
C PHE A 455 -4.20 -24.30 -2.58
N CYS A 456 -4.13 -23.46 -3.60
CA CYS A 456 -5.27 -23.28 -4.46
C CYS A 456 -5.81 -24.60 -5.00
N THR A 457 -4.92 -25.53 -5.35
CA THR A 457 -5.39 -26.80 -5.89
C THR A 457 -6.35 -27.54 -4.98
N ARG A 458 -6.42 -27.14 -3.72
CA ARG A 458 -7.31 -27.81 -2.78
C ARG A 458 -8.61 -27.07 -2.49
N VAL A 459 -8.76 -25.89 -3.10
CA VAL A 459 -9.95 -25.08 -2.90
C VAL A 459 -10.95 -25.18 -4.07
N SER A 460 -12.16 -25.64 -3.78
CA SER A 460 -13.20 -25.70 -4.81
C SER A 460 -14.39 -24.87 -4.32
N TYR A 461 -15.13 -24.28 -5.25
CA TYR A 461 -16.27 -23.45 -4.91
C TYR A 461 -17.58 -23.89 -5.59
N LYS A 462 -18.62 -23.10 -5.43
CA LYS A 462 -19.94 -23.40 -5.99
C LYS A 462 -20.87 -22.19 -5.91
N LYS A 463 -21.29 -21.67 -7.06
CA LYS A 463 -22.22 -20.53 -7.07
C LYS A 463 -23.51 -20.99 -6.40
N VAL A 464 -24.04 -20.18 -5.49
CA VAL A 464 -25.26 -20.57 -4.79
C VAL A 464 -26.46 -19.66 -5.01
N ASP A 465 -27.65 -20.25 -5.02
CA ASP A 465 -28.91 -19.54 -5.23
C ASP A 465 -29.57 -19.21 -3.89
N PRO A 466 -29.91 -17.93 -3.68
CA PRO A 466 -30.56 -17.49 -2.43
C PRO A 466 -31.92 -18.15 -2.15
N VAL A 467 -32.65 -18.49 -3.20
CA VAL A 467 -33.95 -19.13 -3.03
C VAL A 467 -33.85 -20.64 -3.13
N LYS A 468 -33.24 -21.13 -4.21
CA LYS A 468 -33.09 -22.57 -4.39
C LYS A 468 -31.95 -23.14 -3.54
N GLU A 469 -32.29 -23.83 -2.46
CA GLU A 469 -31.27 -24.42 -1.58
C GLU A 469 -30.46 -25.47 -2.31
N ASP A 470 -29.14 -25.39 -2.17
CA ASP A 470 -28.24 -26.33 -2.82
C ASP A 470 -28.50 -26.34 -4.32
N ALA A 471 -27.90 -25.39 -5.03
CA ALA A 471 -28.09 -25.30 -6.47
C ALA A 471 -26.78 -25.41 -7.24
N GLY A 472 -26.08 -26.53 -7.13
CA GLY A 472 -24.85 -26.67 -7.88
C GLY A 472 -23.81 -27.64 -7.34
N LYS A 473 -22.91 -28.06 -8.24
CA LYS A 473 -21.82 -28.96 -7.89
C LYS A 473 -20.58 -28.07 -7.92
N PHE A 474 -19.54 -28.45 -7.18
CA PHE A 474 -18.34 -27.64 -7.12
C PHE A 474 -17.49 -27.60 -8.38
N GLU A 475 -16.76 -26.50 -8.54
CA GLU A 475 -15.85 -26.30 -9.66
C GLU A 475 -14.47 -25.98 -9.08
N ASN A 476 -13.51 -25.64 -9.95
CA ASN A 476 -12.15 -25.32 -9.52
C ASN A 476 -11.82 -23.94 -10.05
N PHE A 477 -10.79 -23.30 -9.50
CA PHE A 477 -10.40 -21.97 -9.96
C PHE A 477 -10.24 -21.95 -11.47
N TYR A 478 -10.65 -20.87 -12.13
CA TYR A 478 -10.45 -20.83 -13.57
C TYR A 478 -8.95 -21.06 -13.74
N PRO A 479 -8.55 -22.12 -14.49
CA PRO A 479 -7.17 -22.54 -14.78
C PRO A 479 -6.03 -21.53 -14.63
N VAL A 480 -6.25 -20.28 -15.01
CA VAL A 480 -5.22 -19.27 -14.87
C VAL A 480 -5.23 -18.65 -13.47
N LEU A 481 -4.57 -19.31 -12.51
CA LEU A 481 -4.53 -18.82 -11.13
C LEU A 481 -3.97 -17.40 -10.95
N THR A 482 -4.84 -16.39 -11.07
CA THR A 482 -4.39 -15.01 -10.93
C THR A 482 -4.18 -14.59 -9.47
N PHE A 483 -4.45 -15.50 -8.55
CA PHE A 483 -4.25 -15.19 -7.13
C PHE A 483 -2.75 -15.11 -6.85
N LEU A 484 -1.97 -15.47 -7.85
CA LEU A 484 -0.52 -15.48 -7.76
C LEU A 484 0.18 -14.27 -8.35
N SER A 485 -0.58 -13.35 -8.93
CA SER A 485 0.01 -12.16 -9.53
C SER A 485 0.90 -11.35 -8.58
N TYR A 486 0.74 -11.56 -7.28
CA TYR A 486 1.55 -10.80 -6.33
C TYR A 486 3.03 -11.06 -6.61
N TRP A 487 3.31 -12.28 -7.04
CA TRP A 487 4.68 -12.70 -7.32
C TRP A 487 5.01 -12.73 -8.82
N LEU A 488 4.22 -12.08 -9.65
CA LEU A 488 4.46 -12.11 -11.09
C LEU A 488 4.38 -10.76 -11.81
N LYS A 489 5.38 -10.48 -12.62
CA LYS A 489 5.49 -9.23 -13.38
C LYS A 489 4.40 -8.98 -14.40
N ALA A 490 4.22 -9.93 -15.31
CA ALA A 490 3.20 -9.82 -16.35
C ALA A 490 2.06 -10.78 -16.03
N PRO A 491 1.11 -10.36 -15.19
CA PRO A 491 -0.02 -11.21 -14.83
C PRO A 491 -0.77 -11.72 -16.05
N LEU A 492 -0.84 -13.04 -16.15
CA LEU A 492 -1.51 -13.72 -17.25
C LEU A 492 -2.99 -13.84 -16.86
N THR A 493 -3.81 -12.90 -17.32
CA THR A 493 -5.24 -12.93 -17.00
C THR A 493 -6.06 -13.42 -18.19
N ARG A 494 -7.28 -13.89 -17.92
CA ARG A 494 -8.15 -14.41 -18.98
C ARG A 494 -8.60 -13.30 -19.93
N PRO A 495 -8.74 -13.63 -21.23
CA PRO A 495 -9.16 -12.69 -22.27
C PRO A 495 -10.32 -11.77 -21.91
N GLY A 496 -10.16 -10.49 -22.27
CA GLY A 496 -11.18 -9.50 -21.99
C GLY A 496 -10.87 -8.64 -20.77
N PHE A 497 -10.38 -9.31 -19.72
CA PHE A 497 -10.05 -8.64 -18.48
C PHE A 497 -8.67 -8.00 -18.56
N HIS A 498 -8.44 -7.00 -17.72
CA HIS A 498 -7.16 -6.32 -17.69
C HIS A 498 -6.38 -6.78 -16.47
N PRO A 499 -5.05 -6.85 -16.59
CA PRO A 499 -4.21 -7.28 -15.47
C PRO A 499 -3.88 -6.12 -14.53
N VAL A 500 -4.29 -6.25 -13.28
CA VAL A 500 -4.03 -5.22 -12.26
C VAL A 500 -2.68 -5.53 -11.59
N ASN A 501 -1.86 -4.51 -11.39
CA ASN A 501 -0.54 -4.72 -10.78
C ASN A 501 -0.31 -4.11 -9.40
N GLY A 502 -1.24 -3.31 -8.91
CA GLY A 502 -1.07 -2.72 -7.60
C GLY A 502 -0.64 -3.82 -6.64
N LEU A 503 0.57 -3.73 -6.13
CA LEU A 503 1.07 -4.77 -5.23
C LEU A 503 0.23 -4.91 -3.96
N ASN A 504 -0.02 -3.80 -3.28
CA ASN A 504 -0.83 -3.83 -2.05
C ASN A 504 -2.18 -4.49 -2.33
N LYS A 505 -2.78 -4.14 -3.47
CA LYS A 505 -4.06 -4.69 -3.89
C LYS A 505 -3.95 -6.20 -4.13
N GLN A 506 -2.85 -6.63 -4.76
CA GLN A 506 -2.62 -8.04 -5.04
C GLN A 506 -2.52 -8.85 -3.75
N ARG A 507 -1.94 -8.24 -2.72
CA ARG A 507 -1.78 -8.95 -1.46
C ARG A 507 -3.12 -9.05 -0.75
N THR A 508 -3.83 -7.93 -0.71
CA THR A 508 -5.15 -7.89 -0.09
C THR A 508 -5.99 -9.08 -0.52
N ALA A 509 -6.17 -9.24 -1.83
CA ALA A 509 -6.95 -10.36 -2.38
C ALA A 509 -6.47 -11.68 -1.79
N LEU A 510 -5.17 -11.87 -1.69
CA LEU A 510 -4.64 -13.12 -1.13
C LEU A 510 -5.17 -13.20 0.30
N GLU A 511 -5.01 -12.11 1.05
CA GLU A 511 -5.46 -12.04 2.43
C GLU A 511 -6.95 -12.24 2.66
N ASN A 512 -7.79 -11.46 1.98
CA ASN A 512 -9.23 -11.59 2.15
C ASN A 512 -9.69 -12.99 1.75
N PHE A 513 -9.04 -13.57 0.75
CA PHE A 513 -9.39 -14.92 0.33
C PHE A 513 -9.20 -15.88 1.50
N LEU A 514 -8.07 -15.79 2.18
CA LEU A 514 -7.79 -16.65 3.33
C LEU A 514 -8.73 -16.37 4.50
N ARG A 515 -9.01 -15.09 4.74
CA ARG A 515 -9.92 -14.73 5.82
C ARG A 515 -11.25 -15.37 5.48
N LEU A 516 -11.80 -14.92 4.35
CA LEU A 516 -13.06 -15.40 3.78
C LEU A 516 -13.26 -16.89 4.04
N LEU A 517 -12.19 -17.67 3.91
CA LEU A 517 -12.27 -19.12 4.11
C LEU A 517 -12.39 -19.55 5.57
N ILE A 518 -12.08 -18.66 6.51
CA ILE A 518 -12.21 -18.99 7.92
C ILE A 518 -13.39 -18.23 8.53
N GLY A 519 -14.19 -17.59 7.67
CA GLY A 519 -15.35 -16.86 8.12
C GLY A 519 -15.22 -15.36 8.38
N LEU A 520 -14.07 -14.76 8.08
CA LEU A 520 -13.88 -13.34 8.30
C LEU A 520 -14.16 -12.47 7.07
N PRO A 521 -14.69 -11.26 7.28
CA PRO A 521 -15.00 -10.35 6.17
C PRO A 521 -13.72 -9.75 5.63
N SER A 522 -13.83 -8.87 4.64
CA SER A 522 -12.63 -8.24 4.10
C SER A 522 -12.15 -7.25 5.15
N GLN A 523 -10.92 -6.78 5.02
CA GLN A 523 -10.41 -5.82 5.99
C GLN A 523 -11.00 -4.47 5.65
N ASN A 524 -11.68 -3.85 6.62
CA ASN A 524 -12.27 -2.54 6.37
C ASN A 524 -11.37 -1.45 6.93
N GLU A 525 -10.53 -1.81 7.91
CA GLU A 525 -9.61 -0.89 8.53
C GLU A 525 -10.28 0.39 9.04
N LEU A 526 -11.46 0.27 9.65
CA LEU A 526 -12.19 1.43 10.15
C LEU A 526 -12.01 1.71 11.64
N ARG A 527 -11.94 0.67 12.45
CA ARG A 527 -11.77 0.86 13.87
C ARG A 527 -12.80 1.86 14.36
N PHE A 528 -14.07 1.54 14.15
CA PHE A 528 -15.14 2.42 14.58
C PHE A 528 -15.31 2.49 16.08
N GLU A 529 -14.61 1.64 16.82
CA GLU A 529 -14.71 1.65 18.27
C GLU A 529 -13.57 2.47 18.86
N GLU A 530 -13.12 3.45 18.09
CA GLU A 530 -12.06 4.35 18.50
C GLU A 530 -12.40 5.69 17.86
N ARG A 531 -12.91 5.62 16.63
CA ARG A 531 -13.30 6.80 15.88
C ARG A 531 -14.70 7.22 16.32
N LEU A 532 -15.53 6.22 16.60
CA LEU A 532 -16.90 6.43 17.04
C LEU A 532 -17.09 5.88 18.46
N LEU A 533 -17.11 6.78 19.43
CA LEU A 533 -17.30 6.40 20.82
C LEU A 533 -18.76 6.03 21.10
N ILE B 9 -18.40 18.77 -12.54
CA ILE B 9 -19.79 18.26 -12.70
C ILE B 9 -19.86 16.73 -12.58
N THR B 10 -19.01 16.15 -11.73
CA THR B 10 -19.01 14.70 -11.54
C THR B 10 -19.86 14.33 -10.33
N SER B 11 -20.59 13.23 -10.46
CA SER B 11 -21.47 12.77 -9.37
C SER B 11 -21.49 11.26 -9.24
N VAL B 12 -21.94 10.78 -8.10
CA VAL B 12 -22.03 9.35 -7.84
C VAL B 12 -23.36 9.00 -7.20
N LYS B 13 -24.17 8.22 -7.91
CA LYS B 13 -25.49 7.80 -7.44
C LYS B 13 -25.46 6.29 -7.27
N VAL B 14 -25.61 5.84 -6.02
CA VAL B 14 -25.57 4.42 -5.74
C VAL B 14 -26.91 3.76 -5.41
N VAL B 15 -27.28 2.79 -6.27
CA VAL B 15 -28.51 2.02 -6.13
C VAL B 15 -28.43 1.16 -4.88
N THR B 16 -28.97 1.68 -3.79
CA THR B 16 -28.93 0.98 -2.52
C THR B 16 -30.11 1.39 -1.63
N ASP B 17 -30.63 0.42 -0.89
CA ASP B 17 -31.75 0.69 0.01
C ASP B 17 -31.21 1.17 1.35
N LYS B 18 -29.90 1.05 1.53
CA LYS B 18 -29.23 1.45 2.77
C LYS B 18 -29.16 2.96 2.95
N CYS B 19 -29.39 3.68 1.85
CA CYS B 19 -29.34 5.14 1.86
C CYS B 19 -30.70 5.77 1.59
N THR B 20 -31.14 6.61 2.52
CA THR B 20 -32.40 7.30 2.37
C THR B 20 -32.11 8.80 2.52
N TYR B 21 -32.55 9.57 1.53
CA TYR B 21 -32.34 11.02 1.52
C TYR B 21 -33.58 11.77 2.00
N LYS B 22 -33.43 12.55 3.07
CA LYS B 22 -34.52 13.31 3.63
C LYS B 22 -34.44 14.79 3.23
N ASP B 23 -34.54 15.67 4.20
CA ASP B 23 -34.49 17.11 3.94
C ASP B 23 -33.04 17.58 3.91
N ASN B 24 -32.42 17.54 2.73
CA ASN B 24 -31.00 17.90 2.58
C ASN B 24 -30.22 17.15 3.65
N GLU B 25 -30.62 15.90 3.86
CA GLU B 25 -30.00 15.04 4.84
C GLU B 25 -29.72 13.72 4.16
N LEU B 26 -29.02 12.84 4.87
CA LEU B 26 -28.71 11.52 4.34
C LEU B 26 -28.47 10.59 5.49
N LEU B 27 -29.24 9.52 5.52
CA LEU B 27 -29.10 8.54 6.57
C LEU B 27 -28.79 7.23 5.92
N THR B 28 -27.71 6.61 6.36
CA THR B 28 -27.30 5.34 5.82
C THR B 28 -27.08 4.37 6.95
N LYS B 29 -27.45 3.12 6.70
CA LYS B 29 -27.30 2.09 7.71
C LYS B 29 -25.95 1.44 7.42
N TYR B 30 -25.32 0.92 8.46
CA TYR B 30 -24.01 0.27 8.30
C TYR B 30 -23.76 -0.85 9.30
N SER B 31 -23.70 -2.08 8.82
CA SER B 31 -23.43 -3.19 9.71
C SER B 31 -21.92 -3.26 9.81
N TYR B 32 -21.38 -2.81 10.93
CA TYR B 32 -19.93 -2.81 11.14
C TYR B 32 -19.44 -4.15 11.67
N GLU B 33 -18.46 -4.74 10.98
CA GLU B 33 -17.94 -6.03 11.41
C GLU B 33 -16.47 -5.96 11.83
N ASN B 34 -16.14 -6.79 12.81
CA ASN B 34 -14.80 -6.88 13.37
C ASN B 34 -14.77 -8.19 14.16
N ALA B 35 -13.78 -8.39 15.03
CA ALA B 35 -13.71 -9.63 15.77
C ALA B 35 -12.69 -9.50 16.88
N VAL B 36 -12.77 -10.38 17.86
CA VAL B 36 -11.82 -10.34 18.95
C VAL B 36 -11.01 -11.62 18.95
N VAL B 37 -9.73 -11.48 19.25
CA VAL B 37 -8.82 -12.60 19.26
C VAL B 37 -8.20 -12.78 20.64
N THR B 38 -7.70 -13.99 20.91
CA THR B 38 -7.05 -14.30 22.19
C THR B 38 -6.15 -15.50 21.98
N LYS B 39 -4.84 -15.26 21.97
CA LYS B 39 -3.89 -16.35 21.76
C LYS B 39 -3.65 -17.17 23.03
N THR B 40 -3.92 -18.47 22.93
CA THR B 40 -3.71 -19.38 24.06
C THR B 40 -2.27 -19.89 23.99
N ALA B 41 -1.80 -20.49 25.07
CA ALA B 41 -0.43 -21.01 25.11
C ALA B 41 -0.19 -22.08 24.04
N SER B 42 -1.11 -23.04 23.94
CA SER B 42 -1.01 -24.12 22.98
C SER B 42 -0.68 -23.64 21.57
N GLY B 43 -0.77 -22.33 21.35
CA GLY B 43 -0.49 -21.77 20.05
C GLY B 43 -1.71 -21.84 19.17
N ARG B 44 -2.78 -21.17 19.60
CA ARG B 44 -4.02 -21.15 18.86
C ARG B 44 -4.77 -19.85 19.11
N PHE B 45 -5.01 -19.09 18.06
CA PHE B 45 -5.74 -17.83 18.18
C PHE B 45 -7.23 -18.10 18.07
N ASP B 46 -7.98 -17.80 19.13
CA ASP B 46 -9.41 -18.00 19.11
C ASP B 46 -9.98 -16.72 18.56
N VAL B 47 -10.79 -16.80 17.52
CA VAL B 47 -11.37 -15.61 16.92
C VAL B 47 -12.88 -15.57 16.98
N THR B 48 -13.38 -14.63 17.78
CA THR B 48 -14.80 -14.39 17.99
C THR B 48 -15.17 -13.07 17.33
N PRO B 49 -15.94 -13.12 16.23
CA PRO B 49 -16.39 -11.95 15.46
C PRO B 49 -17.39 -11.05 16.21
N THR B 50 -17.42 -9.76 15.86
CA THR B 50 -18.31 -8.81 16.52
C THR B 50 -18.91 -7.70 15.65
N VAL B 51 -20.22 -7.79 15.43
CA VAL B 51 -20.93 -6.79 14.63
C VAL B 51 -21.69 -5.75 15.49
N GLN B 52 -21.73 -4.52 14.99
CA GLN B 52 -22.41 -3.40 15.62
C GLN B 52 -23.01 -2.54 14.52
N ASP B 53 -24.32 -2.35 14.55
CA ASP B 53 -25.01 -1.56 13.55
C ASP B 53 -24.94 -0.06 13.81
N TYR B 54 -24.96 0.71 12.73
CA TYR B 54 -24.90 2.16 12.81
C TYR B 54 -25.77 2.79 11.76
N VAL B 55 -25.98 4.09 11.93
CA VAL B 55 -26.76 4.86 10.99
C VAL B 55 -26.11 6.23 11.01
N PHE B 56 -25.55 6.64 9.90
CA PHE B 56 -24.90 7.93 9.84
C PHE B 56 -25.81 8.92 9.15
N LYS B 57 -25.79 10.15 9.63
CA LYS B 57 -26.58 11.21 9.02
C LYS B 57 -25.56 12.17 8.40
N LEU B 58 -25.70 12.43 7.10
CA LEU B 58 -24.78 13.33 6.43
C LEU B 58 -25.56 14.54 5.94
N ASP B 59 -25.28 15.67 6.59
CA ASP B 59 -25.89 16.96 6.28
C ASP B 59 -25.35 17.39 4.92
N LEU B 60 -26.11 17.12 3.86
CA LEU B 60 -25.70 17.44 2.49
C LEU B 60 -25.59 18.93 2.19
N LYS B 61 -25.88 19.78 3.17
CA LYS B 61 -25.79 21.22 2.96
C LYS B 61 -24.38 21.75 3.24
N LYS B 62 -23.56 21.82 2.19
CA LYS B 62 -22.19 22.28 2.37
C LYS B 62 -22.10 23.78 2.16
N PRO B 63 -21.22 24.45 2.92
CA PRO B 63 -21.04 25.89 2.80
C PRO B 63 -20.68 26.33 1.39
N GLU B 64 -21.31 27.40 0.93
CA GLU B 64 -21.06 27.91 -0.39
C GLU B 64 -19.64 28.45 -0.37
N LYS B 65 -19.15 28.74 0.83
CA LYS B 65 -17.80 29.26 1.04
C LYS B 65 -17.33 29.00 2.48
N LEU B 66 -16.27 28.21 2.62
CA LEU B 66 -15.72 27.89 3.93
C LEU B 66 -14.65 28.89 4.32
N GLY B 67 -14.76 29.39 5.55
CA GLY B 67 -13.78 30.34 6.03
C GLY B 67 -12.57 29.59 6.52
N ILE B 68 -11.39 30.17 6.31
CA ILE B 68 -10.16 29.53 6.75
C ILE B 68 -9.25 30.53 7.42
N MET B 69 -8.96 30.29 8.69
CA MET B 69 -8.06 31.15 9.47
C MET B 69 -6.84 30.34 9.90
N LEU B 70 -5.70 30.68 9.31
CA LEU B 70 -4.47 29.98 9.62
C LEU B 70 -3.69 30.76 10.66
N ILE B 71 -3.25 30.06 11.70
CA ILE B 71 -2.43 30.70 12.73
C ILE B 71 -1.04 30.47 12.20
N GLY B 72 -0.42 31.53 11.68
CA GLY B 72 0.90 31.40 11.10
C GLY B 72 0.70 31.63 9.61
N LEU B 73 -0.32 32.44 9.30
CA LEU B 73 -0.70 32.79 7.95
C LEU B 73 0.44 33.25 7.05
N GLY B 74 1.38 34.03 7.60
CA GLY B 74 2.51 34.54 6.81
C GLY B 74 3.71 33.63 6.63
N GLY B 75 3.54 32.34 6.93
CA GLY B 75 4.62 31.39 6.79
C GLY B 75 4.76 30.85 5.38
N ASN B 76 5.40 29.69 5.26
CA ASN B 76 5.60 29.08 3.94
C ASN B 76 4.31 28.45 3.49
N ASN B 77 3.79 27.51 4.28
CA ASN B 77 2.53 26.87 3.93
C ASN B 77 1.45 27.94 3.89
N GLY B 78 1.46 28.83 4.88
CA GLY B 78 0.46 29.89 4.91
C GLY B 78 0.35 30.66 3.59
N SER B 79 1.46 31.27 3.16
CA SER B 79 1.51 32.06 1.94
C SER B 79 1.19 31.29 0.68
N THR B 80 1.81 30.12 0.51
CA THR B 80 1.57 29.31 -0.68
C THR B 80 0.13 28.84 -0.68
N LEU B 81 -0.36 28.42 0.48
CA LEU B 81 -1.74 27.94 0.58
C LEU B 81 -2.69 29.00 0.04
N VAL B 82 -2.41 30.26 0.35
CA VAL B 82 -3.24 31.36 -0.12
C VAL B 82 -3.03 31.57 -1.61
N ALA B 83 -1.78 31.46 -2.05
CA ALA B 83 -1.45 31.65 -3.46
C ALA B 83 -2.12 30.59 -4.32
N SER B 84 -2.19 29.37 -3.81
CA SER B 84 -2.79 28.28 -4.57
C SER B 84 -4.27 28.51 -4.82
N VAL B 85 -5.01 28.77 -3.75
CA VAL B 85 -6.43 29.01 -3.86
C VAL B 85 -6.64 30.16 -4.84
N LEU B 86 -5.82 31.19 -4.72
CA LEU B 86 -5.93 32.34 -5.61
C LEU B 86 -5.63 32.00 -7.07
N ALA B 87 -4.50 31.32 -7.26
CA ALA B 87 -4.05 30.95 -8.59
C ALA B 87 -5.03 30.01 -9.26
N ASN B 88 -5.49 29.02 -8.51
CA ASN B 88 -6.45 28.06 -9.03
C ASN B 88 -7.81 28.72 -9.25
N LYS B 89 -8.41 29.20 -8.16
CA LYS B 89 -9.70 29.87 -8.20
C LYS B 89 -9.81 30.83 -9.36
N HIS B 90 -8.80 31.66 -9.54
CA HIS B 90 -8.80 32.64 -10.60
C HIS B 90 -8.14 32.19 -11.89
N ASN B 91 -7.67 30.94 -11.93
CA ASN B 91 -7.03 30.39 -13.13
C ASN B 91 -5.85 31.23 -13.66
N VAL B 92 -4.85 31.49 -12.82
CA VAL B 92 -3.71 32.25 -13.27
C VAL B 92 -2.58 31.36 -13.80
N GLU B 93 -2.45 31.31 -15.12
CA GLU B 93 -1.41 30.52 -15.77
C GLU B 93 -0.11 31.29 -15.58
N PHE B 94 0.99 30.57 -15.40
CA PHE B 94 2.27 31.25 -15.20
C PHE B 94 3.40 30.73 -16.08
N GLN B 95 4.35 31.63 -16.32
CA GLN B 95 5.50 31.34 -17.15
C GLN B 95 6.66 30.67 -16.42
N THR B 96 7.34 29.75 -17.12
CA THR B 96 8.48 29.04 -16.56
C THR B 96 9.45 28.67 -17.70
N LYS B 97 10.59 28.05 -17.36
CA LYS B 97 11.57 27.63 -18.36
C LYS B 97 10.93 26.71 -19.40
N GLU B 98 10.12 25.78 -18.88
CA GLU B 98 9.39 24.80 -19.69
C GLU B 98 8.11 25.38 -20.27
N GLY B 99 7.94 26.70 -20.16
CA GLY B 99 6.76 27.33 -20.71
C GLY B 99 5.61 27.56 -19.75
N VAL B 100 4.55 28.17 -20.27
CA VAL B 100 3.39 28.47 -19.46
C VAL B 100 2.81 27.23 -18.80
N LYS B 101 2.46 27.38 -17.53
CA LYS B 101 1.89 26.30 -16.75
C LYS B 101 0.52 26.72 -16.23
N GLN B 102 -0.31 25.73 -15.96
CA GLN B 102 -1.66 25.96 -15.46
C GLN B 102 -1.76 25.49 -14.03
N PRO B 103 -2.31 26.35 -13.15
CA PRO B 103 -2.48 26.04 -11.72
C PRO B 103 -3.25 24.76 -11.47
N ASN B 104 -2.99 24.13 -10.32
CA ASN B 104 -3.68 22.89 -9.95
C ASN B 104 -3.33 22.53 -8.51
N TYR B 105 -4.01 21.54 -7.96
CA TYR B 105 -3.74 21.14 -6.60
C TYR B 105 -3.05 19.78 -6.52
N PHE B 106 -2.00 19.59 -7.33
CA PHE B 106 -1.26 18.34 -7.31
C PHE B 106 -0.63 18.11 -5.95
N GLY B 107 -0.87 16.93 -5.40
CA GLY B 107 -0.31 16.60 -4.10
C GLY B 107 -1.47 16.52 -3.13
N SER B 108 -2.60 17.08 -3.57
CA SER B 108 -3.83 17.10 -2.79
C SER B 108 -4.61 15.85 -3.13
N MET B 109 -4.87 15.03 -2.11
CA MET B 109 -5.60 13.79 -2.30
C MET B 109 -7.07 13.99 -2.67
N THR B 110 -7.75 14.86 -1.95
CA THR B 110 -9.16 15.10 -2.22
C THR B 110 -9.36 15.69 -3.60
N GLN B 111 -8.53 16.66 -3.96
CA GLN B 111 -8.61 17.35 -5.24
C GLN B 111 -8.02 16.66 -6.45
N CYS B 112 -7.10 15.70 -6.25
CA CYS B 112 -6.46 15.03 -7.38
C CYS B 112 -6.28 13.52 -7.37
N SER B 113 -6.71 12.84 -6.31
CA SER B 113 -6.61 11.39 -6.26
C SER B 113 -7.93 10.86 -6.79
N THR B 114 -8.11 9.54 -6.84
CA THR B 114 -9.36 8.96 -7.34
C THR B 114 -9.67 7.64 -6.66
N LEU B 115 -10.93 7.23 -6.71
CA LEU B 115 -11.36 5.99 -6.08
C LEU B 115 -12.06 5.04 -7.06
N LYS B 116 -12.10 3.76 -6.69
CA LYS B 116 -12.75 2.77 -7.53
C LYS B 116 -14.15 2.54 -6.98
N LEU B 117 -15.16 2.68 -7.83
CA LEU B 117 -16.54 2.46 -7.41
C LEU B 117 -16.95 1.02 -7.67
N GLY B 118 -16.32 0.44 -8.70
CA GLY B 118 -16.57 -0.94 -9.07
C GLY B 118 -16.03 -1.22 -10.46
N ILE B 119 -16.54 -2.27 -11.10
CA ILE B 119 -16.11 -2.63 -12.43
C ILE B 119 -17.15 -2.25 -13.46
N ASP B 120 -16.75 -2.25 -14.72
CA ASP B 120 -17.67 -1.91 -15.80
C ASP B 120 -18.19 -3.20 -16.40
N ALA B 121 -18.73 -3.10 -17.61
CA ALA B 121 -19.29 -4.26 -18.30
C ALA B 121 -18.28 -5.39 -18.57
N GLU B 122 -17.08 -5.04 -19.02
CA GLU B 122 -16.05 -6.04 -19.32
C GLU B 122 -15.35 -6.64 -18.10
N GLY B 123 -15.61 -6.07 -16.92
CA GLY B 123 -15.01 -6.56 -15.69
C GLY B 123 -13.83 -5.73 -15.23
N ASN B 124 -13.60 -4.59 -15.88
CA ASN B 124 -12.48 -3.70 -15.55
C ASN B 124 -12.85 -2.49 -14.68
N ASP B 125 -12.01 -2.22 -13.68
CA ASP B 125 -12.18 -1.13 -12.71
C ASP B 125 -12.60 0.22 -13.28
N VAL B 126 -13.45 0.92 -12.53
CA VAL B 126 -13.90 2.25 -12.93
C VAL B 126 -13.52 3.19 -11.80
N TYR B 127 -12.81 4.26 -12.13
CA TYR B 127 -12.39 5.19 -11.10
C TYR B 127 -13.11 6.53 -11.16
N ALA B 128 -13.33 7.12 -9.99
CA ALA B 128 -13.99 8.41 -9.85
C ALA B 128 -13.21 9.30 -8.89
N PRO B 129 -13.42 10.62 -8.96
CA PRO B 129 -12.71 11.54 -8.06
C PRO B 129 -13.00 11.33 -6.58
N PHE B 130 -11.97 11.50 -5.75
CA PHE B 130 -12.09 11.32 -4.30
C PHE B 130 -13.24 12.14 -3.79
N ASN B 131 -13.39 13.33 -4.36
CA ASN B 131 -14.45 14.25 -3.96
C ASN B 131 -15.68 14.24 -4.86
N SER B 132 -15.95 13.13 -5.53
CA SER B 132 -17.13 13.05 -6.40
C SER B 132 -18.18 12.10 -5.83
N LEU B 133 -17.86 11.45 -4.72
CA LEU B 133 -18.79 10.52 -4.07
C LEU B 133 -19.86 11.29 -3.27
N LEU B 134 -19.42 12.03 -2.26
CA LEU B 134 -20.30 12.85 -1.45
C LEU B 134 -19.83 14.29 -1.68
N PRO B 135 -20.73 15.27 -1.53
CA PRO B 135 -20.29 16.65 -1.76
C PRO B 135 -19.24 17.13 -0.75
N MET B 136 -18.24 17.83 -1.26
CA MET B 136 -17.16 18.37 -0.43
C MET B 136 -16.84 19.78 -0.89
N VAL B 137 -16.37 20.61 0.04
CA VAL B 137 -16.03 21.98 -0.32
C VAL B 137 -14.76 21.99 -1.18
N SER B 138 -14.65 23.02 -2.01
CA SER B 138 -13.51 23.17 -2.90
C SER B 138 -12.60 24.25 -2.39
N PRO B 139 -11.29 23.99 -2.40
CA PRO B 139 -10.37 25.01 -1.91
C PRO B 139 -10.58 26.37 -2.57
N ASN B 140 -11.20 26.40 -3.75
CA ASN B 140 -11.41 27.69 -4.42
C ASN B 140 -12.50 28.44 -3.67
N ASP B 141 -13.27 27.70 -2.88
CA ASP B 141 -14.36 28.27 -2.11
C ASP B 141 -13.91 28.56 -0.70
N PHE B 142 -12.62 28.83 -0.55
CA PHE B 142 -12.04 29.15 0.74
C PHE B 142 -11.86 30.64 0.77
N VAL B 143 -12.00 31.21 1.96
CA VAL B 143 -11.78 32.64 2.18
C VAL B 143 -10.78 32.56 3.30
N VAL B 144 -9.57 33.06 3.04
CA VAL B 144 -8.53 32.95 4.05
C VAL B 144 -8.13 34.21 4.79
N SER B 145 -7.74 33.99 6.03
CA SER B 145 -7.27 35.02 6.94
C SER B 145 -6.53 34.26 8.04
N GLY B 146 -6.17 34.96 9.11
CA GLY B 146 -5.47 34.32 10.20
C GLY B 146 -4.54 35.29 10.86
N TRP B 147 -3.77 34.80 11.82
CA TRP B 147 -2.84 35.65 12.55
C TRP B 147 -1.39 35.22 12.32
N ASP B 148 -0.45 36.08 12.69
CA ASP B 148 0.97 35.81 12.56
C ASP B 148 1.71 36.92 13.29
N ILE B 149 2.71 36.58 14.09
CA ILE B 149 3.40 37.61 14.83
C ILE B 149 4.22 38.54 13.95
N ASN B 150 4.24 38.29 12.66
CA ASN B 150 4.95 39.20 11.76
C ASN B 150 3.94 39.79 10.79
N ASN B 151 3.91 41.11 10.71
CA ASN B 151 2.94 41.81 9.88
C ASN B 151 3.13 41.93 8.38
N ALA B 152 4.18 41.35 7.81
CA ALA B 152 4.36 41.49 6.37
C ALA B 152 3.14 40.95 5.60
N ASP B 153 2.77 41.62 4.52
CA ASP B 153 1.64 41.19 3.71
C ASP B 153 2.02 39.88 3.00
N LEU B 154 1.00 39.10 2.64
CA LEU B 154 1.23 37.81 1.99
C LEU B 154 2.03 37.83 0.68
N TYR B 155 2.37 39.00 0.18
CA TYR B 155 3.17 39.03 -1.03
C TYR B 155 4.62 38.96 -0.56
N GLU B 156 4.97 39.81 0.39
CA GLU B 156 6.30 39.81 0.93
C GLU B 156 6.54 38.43 1.53
N ALA B 157 5.53 37.86 2.16
CA ALA B 157 5.67 36.53 2.75
C ALA B 157 6.01 35.50 1.68
N MET B 158 5.46 35.70 0.49
CA MET B 158 5.71 34.79 -0.65
C MET B 158 7.18 34.88 -1.03
N GLN B 159 7.63 36.10 -1.27
CA GLN B 159 9.02 36.37 -1.64
C GLN B 159 9.93 35.74 -0.62
N ARG B 160 9.74 36.13 0.63
CA ARG B 160 10.53 35.65 1.75
C ARG B 160 10.64 34.13 1.72
N SER B 161 9.52 33.46 1.48
CA SER B 161 9.48 32.00 1.47
C SER B 161 10.21 31.33 0.29
N GLN B 162 10.40 32.06 -0.79
CA GLN B 162 11.10 31.52 -1.96
C GLN B 162 10.64 30.14 -2.42
N VAL B 163 9.34 29.87 -2.32
CA VAL B 163 8.82 28.57 -2.73
C VAL B 163 8.12 28.57 -4.09
N LEU B 164 7.58 29.72 -4.48
CA LEU B 164 6.85 29.84 -5.74
C LEU B 164 7.60 30.50 -6.87
N GLU B 165 7.33 30.04 -8.09
CA GLU B 165 7.94 30.60 -9.28
C GLU B 165 7.77 32.10 -9.27
N TYR B 166 8.81 32.82 -9.68
CA TYR B 166 8.77 34.27 -9.69
C TYR B 166 7.72 34.87 -10.61
N ASP B 167 7.25 34.14 -11.61
CA ASP B 167 6.24 34.72 -12.49
C ASP B 167 4.90 34.58 -11.78
N LEU B 168 4.61 33.36 -11.32
CA LEU B 168 3.38 33.07 -10.60
C LEU B 168 3.35 33.90 -9.35
N GLN B 169 4.47 34.53 -9.02
CA GLN B 169 4.56 35.36 -7.82
C GLN B 169 4.14 36.77 -8.15
N GLN B 170 4.63 37.29 -9.26
CA GLN B 170 4.31 38.64 -9.68
C GLN B 170 2.84 38.75 -10.13
N ARG B 171 2.35 37.71 -10.80
CA ARG B 171 0.96 37.71 -11.26
C ARG B 171 0.01 37.77 -10.09
N LEU B 172 0.46 37.26 -8.94
CA LEU B 172 -0.36 37.25 -7.74
C LEU B 172 -0.12 38.47 -6.85
N LYS B 173 0.99 39.17 -7.10
CA LYS B 173 1.39 40.34 -6.34
C LYS B 173 0.22 41.19 -5.87
N ALA B 174 -0.53 41.71 -6.84
CA ALA B 174 -1.70 42.56 -6.56
C ALA B 174 -2.66 41.93 -5.56
N LYS B 175 -3.14 40.74 -5.84
CA LYS B 175 -4.06 40.12 -4.92
C LYS B 175 -3.38 39.74 -3.60
N MET B 176 -2.21 39.12 -3.67
CA MET B 176 -1.47 38.71 -2.47
C MET B 176 -1.12 39.86 -1.55
N SER B 177 -0.85 41.03 -2.13
CA SER B 177 -0.48 42.21 -1.37
C SER B 177 -1.58 42.81 -0.50
N LEU B 178 -2.82 42.39 -0.69
CA LEU B 178 -3.94 42.94 0.10
C LEU B 178 -4.18 42.14 1.38
N VAL B 179 -3.65 40.92 1.42
CA VAL B 179 -3.82 40.04 2.56
C VAL B 179 -2.76 40.38 3.61
N LYS B 180 -3.18 40.57 4.87
CA LYS B 180 -2.27 40.88 5.97
C LYS B 180 -2.72 40.07 7.18
N PRO B 181 -1.78 39.39 7.86
CA PRO B 181 -2.15 38.60 9.04
C PRO B 181 -2.52 39.45 10.24
N LEU B 182 -3.55 39.04 10.96
CA LEU B 182 -3.98 39.77 12.15
C LEU B 182 -2.86 39.54 13.17
N PRO B 183 -2.58 40.52 14.04
CA PRO B 183 -1.52 40.32 15.02
C PRO B 183 -1.85 39.09 15.86
N SER B 184 -0.84 38.30 16.19
CA SER B 184 -1.06 37.10 16.98
C SER B 184 -0.60 37.29 18.42
N ILE B 185 -0.72 36.23 19.21
CA ILE B 185 -0.30 36.23 20.61
C ILE B 185 1.15 35.75 20.62
N TYR B 186 2.00 36.38 21.42
CA TYR B 186 3.38 35.98 21.43
C TYR B 186 4.04 35.77 22.79
N TYR B 187 3.86 34.57 23.35
CA TYR B 187 4.49 34.22 24.62
C TYR B 187 5.79 33.59 24.12
N PRO B 188 6.88 34.36 24.13
CA PRO B 188 8.18 33.87 23.67
C PRO B 188 8.75 32.65 24.35
N ASP B 189 8.59 32.55 25.66
CA ASP B 189 9.11 31.41 26.39
C ASP B 189 8.51 30.07 26.01
N PHE B 190 7.74 30.06 24.92
CA PHE B 190 7.11 28.82 24.46
C PHE B 190 7.62 28.34 23.11
N ILE B 191 8.30 29.21 22.39
CA ILE B 191 8.84 28.84 21.09
C ILE B 191 10.36 28.82 21.11
N ALA B 192 10.96 28.46 19.98
CA ALA B 192 12.41 28.46 19.88
C ALA B 192 12.78 29.94 19.95
N ALA B 193 13.20 30.35 21.14
CA ALA B 193 13.56 31.73 21.43
C ALA B 193 14.16 32.51 20.26
N ASN B 194 14.28 33.82 20.46
CA ASN B 194 14.83 34.70 19.44
C ASN B 194 14.01 34.72 18.15
N GLN B 195 12.70 34.86 18.32
CA GLN B 195 11.75 34.97 17.22
C GLN B 195 11.23 36.36 17.49
N ASP B 196 12.17 37.25 17.83
CA ASP B 196 11.90 38.64 18.17
C ASP B 196 12.25 39.57 17.04
N GLU B 197 13.04 39.10 16.09
CA GLU B 197 13.42 39.90 14.94
C GLU B 197 12.21 39.81 14.00
N ARG B 198 11.28 38.93 14.39
CA ARG B 198 10.06 38.67 13.65
C ARG B 198 8.83 39.34 14.31
N ALA B 199 8.56 38.97 15.56
CA ALA B 199 7.42 39.51 16.29
C ALA B 199 7.36 41.02 16.23
N ASN B 200 6.38 41.51 15.49
CA ASN B 200 6.14 42.93 15.32
C ASN B 200 4.69 42.98 14.89
N ASN B 201 3.88 42.14 15.53
CA ASN B 201 2.46 41.99 15.24
C ASN B 201 1.88 41.18 16.38
N CYS B 202 1.75 41.78 17.56
CA CYS B 202 1.21 41.09 18.72
C CYS B 202 0.05 41.83 19.36
N ILE B 203 -0.93 41.08 19.86
CA ILE B 203 -2.09 41.67 20.54
C ILE B 203 -1.82 41.66 22.04
N ASN B 204 -0.88 40.83 22.46
CA ASN B 204 -0.52 40.71 23.87
C ASN B 204 0.52 41.73 24.32
N LEU B 205 0.08 42.97 24.49
CA LEU B 205 0.94 44.04 24.94
C LEU B 205 0.39 44.60 26.25
N ASP B 206 1.15 45.51 26.85
CA ASP B 206 0.73 46.16 28.09
C ASP B 206 0.70 47.66 27.82
N GLU B 207 0.32 48.44 28.83
CA GLU B 207 0.24 49.89 28.68
C GLU B 207 1.47 50.47 27.99
N LYS B 208 2.63 49.88 28.23
CA LYS B 208 3.85 50.38 27.62
C LYS B 208 4.44 49.50 26.53
N GLY B 209 3.63 49.29 25.49
CA GLY B 209 4.05 48.49 24.35
C GLY B 209 4.51 47.07 24.61
N ASN B 210 5.76 46.92 25.04
CA ASN B 210 6.38 45.63 25.31
C ASN B 210 5.50 44.39 25.41
N VAL B 211 5.99 43.31 24.83
CA VAL B 211 5.28 42.04 24.84
C VAL B 211 5.10 41.62 26.29
N THR B 212 3.96 41.01 26.58
CA THR B 212 3.64 40.56 27.93
C THR B 212 2.88 39.24 27.99
N THR B 213 3.05 38.54 29.11
CA THR B 213 2.42 37.24 29.34
C THR B 213 1.21 37.44 30.27
N ARG B 214 1.10 38.64 30.83
CA ARG B 214 0.00 38.95 31.74
C ARG B 214 -1.19 39.42 30.94
N GLY B 215 -2.37 38.85 31.21
CA GLY B 215 -3.58 39.22 30.51
C GLY B 215 -4.06 38.10 29.60
N LYS B 216 -3.59 36.88 29.88
CA LYS B 216 -3.93 35.72 29.08
C LYS B 216 -5.43 35.54 28.74
N TRP B 217 -6.32 36.18 29.49
CA TRP B 217 -7.74 36.03 29.21
C TRP B 217 -8.20 37.02 28.15
N THR B 218 -7.77 38.27 28.30
CA THR B 218 -8.16 39.28 27.34
C THR B 218 -7.62 38.87 25.98
N HIS B 219 -6.46 38.21 25.97
CA HIS B 219 -5.83 37.75 24.73
C HIS B 219 -6.79 36.76 24.10
N LEU B 220 -7.35 35.88 24.93
CA LEU B 220 -8.32 34.90 24.46
C LEU B 220 -9.48 35.67 23.84
N GLN B 221 -10.09 36.55 24.63
CA GLN B 221 -11.22 37.33 24.15
C GLN B 221 -10.97 37.90 22.77
N ARG B 222 -9.79 38.50 22.59
CA ARG B 222 -9.43 39.12 21.31
C ARG B 222 -9.35 38.17 20.12
N ILE B 223 -9.09 36.90 20.36
CA ILE B 223 -9.04 35.96 19.25
C ILE B 223 -10.50 35.66 18.83
N ARG B 224 -11.34 35.42 19.83
CA ARG B 224 -12.77 35.15 19.58
C ARG B 224 -13.35 36.30 18.77
N ARG B 225 -12.94 37.52 19.09
CA ARG B 225 -13.39 38.71 18.38
C ARG B 225 -12.98 38.65 16.89
N ASP B 226 -11.71 38.35 16.64
CA ASP B 226 -11.19 38.24 15.28
C ASP B 226 -11.96 37.16 14.53
N ILE B 227 -12.38 36.14 15.26
CA ILE B 227 -13.14 35.06 14.67
C ILE B 227 -14.51 35.60 14.30
N GLN B 228 -15.19 36.16 15.29
CA GLN B 228 -16.51 36.74 15.11
C GLN B 228 -16.47 37.75 13.97
N ASN B 229 -15.53 38.68 14.08
CA ASN B 229 -15.34 39.72 13.07
C ASN B 229 -15.13 39.15 11.67
N PHE B 230 -14.26 38.13 11.55
CA PHE B 230 -13.96 37.50 10.27
C PHE B 230 -15.20 36.87 9.71
N LYS B 231 -15.83 36.03 10.54
CA LYS B 231 -17.05 35.34 10.15
C LYS B 231 -18.10 36.36 9.67
N GLU B 232 -18.27 37.42 10.45
CA GLU B 232 -19.23 38.47 10.16
C GLU B 232 -18.89 39.31 8.93
N GLU B 233 -17.80 40.05 8.97
CA GLU B 233 -17.41 40.91 7.84
C GLU B 233 -17.37 40.22 6.47
N ASN B 234 -17.27 38.88 6.47
CA ASN B 234 -17.22 38.12 5.22
C ASN B 234 -18.51 37.37 4.99
N ALA B 235 -19.37 37.37 5.99
CA ALA B 235 -20.66 36.70 5.89
C ALA B 235 -20.55 35.21 5.71
N LEU B 236 -19.78 34.56 6.57
CA LEU B 236 -19.61 33.13 6.54
C LEU B 236 -20.28 32.57 7.79
N ASP B 237 -20.54 31.27 7.81
CA ASP B 237 -21.15 30.62 8.96
C ASP B 237 -20.20 29.52 9.40
N LYS B 238 -19.66 28.80 8.41
CA LYS B 238 -18.72 27.73 8.66
C LYS B 238 -17.32 28.32 8.54
N VAL B 239 -16.46 27.93 9.46
CA VAL B 239 -15.09 28.43 9.47
C VAL B 239 -14.23 27.45 10.26
N ILE B 240 -13.03 27.18 9.74
CA ILE B 240 -12.10 26.27 10.41
C ILE B 240 -10.78 26.98 10.70
N VAL B 241 -10.19 26.68 11.86
CA VAL B 241 -8.91 27.28 12.23
C VAL B 241 -7.82 26.21 12.27
N LEU B 242 -6.69 26.49 11.61
CA LEU B 242 -5.55 25.56 11.55
C LEU B 242 -4.26 26.21 12.05
N TRP B 243 -3.69 25.64 13.10
CA TRP B 243 -2.44 26.14 13.63
C TRP B 243 -1.34 25.59 12.77
N THR B 244 -0.67 26.47 12.05
CA THR B 244 0.42 26.07 11.17
C THR B 244 1.58 27.00 11.48
N ALA B 245 1.80 27.24 12.77
CA ALA B 245 2.85 28.14 13.20
C ALA B 245 4.04 27.42 13.82
N ASN B 246 4.82 28.16 14.61
CA ASN B 246 5.99 27.65 15.29
C ASN B 246 5.63 26.45 16.13
N THR B 247 6.59 25.60 16.39
CA THR B 247 6.37 24.43 17.22
C THR B 247 6.66 24.93 18.63
N GLU B 248 5.72 24.76 19.54
CA GLU B 248 5.92 25.23 20.89
C GLU B 248 6.46 24.14 21.79
N ARG B 249 7.04 24.54 22.91
CA ARG B 249 7.54 23.59 23.88
C ARG B 249 6.29 23.00 24.54
N TYR B 250 6.29 21.70 24.81
CA TYR B 250 5.13 21.10 25.43
C TYR B 250 4.88 21.77 26.79
N VAL B 251 3.73 21.44 27.39
CA VAL B 251 3.37 21.99 28.69
C VAL B 251 3.00 20.85 29.62
N GLU B 252 3.33 21.00 30.90
CA GLU B 252 3.04 19.97 31.88
C GLU B 252 1.56 19.88 32.19
N VAL B 253 0.98 18.69 32.04
CA VAL B 253 -0.43 18.51 32.34
C VAL B 253 -0.56 18.12 33.81
N SER B 254 -0.65 19.12 34.67
CA SER B 254 -0.76 18.88 36.10
C SER B 254 -2.18 19.18 36.61
N PRO B 255 -2.73 18.28 37.45
CA PRO B 255 -4.07 18.50 37.98
C PRO B 255 -4.20 19.87 38.62
N GLY B 256 -5.43 20.39 38.65
CA GLY B 256 -5.66 21.70 39.24
C GLY B 256 -5.44 22.82 38.23
N VAL B 257 -4.92 22.50 37.06
CA VAL B 257 -4.67 23.52 36.05
C VAL B 257 -4.95 23.07 34.60
N ASN B 258 -4.46 21.90 34.21
CA ASN B 258 -4.68 21.41 32.84
C ASN B 258 -5.78 20.36 32.69
N ASP B 259 -6.22 19.77 33.79
CA ASP B 259 -7.23 18.73 33.77
C ASP B 259 -8.65 19.07 33.33
N THR B 260 -9.51 19.42 34.27
CA THR B 260 -10.90 19.72 33.93
C THR B 260 -11.12 21.11 33.35
N MET B 261 -12.03 21.15 32.39
CA MET B 261 -12.43 22.36 31.67
C MET B 261 -12.46 23.62 32.55
N GLU B 262 -13.07 23.53 33.72
CA GLU B 262 -13.17 24.67 34.64
C GLU B 262 -11.81 25.25 35.02
N ASN B 263 -10.88 24.37 35.41
CA ASN B 263 -9.55 24.80 35.80
C ASN B 263 -8.84 25.51 34.67
N LEU B 264 -8.95 24.95 33.47
CA LEU B 264 -8.32 25.53 32.29
C LEU B 264 -8.78 26.97 32.13
N LEU B 265 -10.08 27.15 31.93
CA LEU B 265 -10.63 28.49 31.76
C LEU B 265 -10.05 29.37 32.86
N GLN B 266 -10.11 28.86 34.09
CA GLN B 266 -9.60 29.58 35.24
C GLN B 266 -8.11 29.90 35.09
N SER B 267 -7.32 28.89 34.76
CA SER B 267 -5.88 29.06 34.58
C SER B 267 -5.56 30.09 33.51
N ILE B 268 -6.34 30.11 32.42
CA ILE B 268 -6.10 31.12 31.38
C ILE B 268 -6.32 32.46 32.06
N LYS B 269 -7.31 32.48 32.95
CA LYS B 269 -7.68 33.68 33.68
C LYS B 269 -6.59 34.06 34.67
N ASN B 270 -5.97 33.06 35.28
CA ASN B 270 -4.89 33.26 36.25
C ASN B 270 -3.55 33.58 35.60
N ASP B 271 -3.52 33.57 34.27
CA ASP B 271 -2.30 33.83 33.52
C ASP B 271 -1.26 32.73 33.76
N HIS B 272 -1.72 31.61 34.30
CA HIS B 272 -0.84 30.48 34.60
C HIS B 272 0.24 30.27 33.54
N GLU B 273 1.41 29.88 34.01
CA GLU B 273 2.55 29.65 33.14
C GLU B 273 2.30 28.56 32.09
N GLU B 274 1.53 27.55 32.47
CA GLU B 274 1.25 26.43 31.57
C GLU B 274 0.20 26.67 30.47
N ILE B 275 -0.12 27.93 30.21
CA ILE B 275 -1.10 28.27 29.17
C ILE B 275 -0.37 28.85 27.97
N ALA B 276 -0.18 28.02 26.94
CA ALA B 276 0.52 28.44 25.73
C ALA B 276 -0.38 29.18 24.73
N PRO B 277 0.23 29.86 23.77
CA PRO B 277 -0.51 30.60 22.75
C PRO B 277 -1.45 29.70 21.95
N SER B 278 -0.97 28.50 21.62
CA SER B 278 -1.80 27.59 20.87
C SER B 278 -2.98 27.21 21.76
N THR B 279 -2.77 27.31 23.07
CA THR B 279 -3.82 26.97 24.04
C THR B 279 -4.97 27.97 23.93
N ILE B 280 -4.60 29.24 23.84
CA ILE B 280 -5.59 30.30 23.73
C ILE B 280 -6.37 30.08 22.44
N PHE B 281 -5.67 30.13 21.31
CA PHE B 281 -6.32 29.94 20.01
C PHE B 281 -7.28 28.76 20.05
N ALA B 282 -6.85 27.65 20.62
CA ALA B 282 -7.73 26.49 20.68
C ALA B 282 -9.01 26.85 21.44
N ALA B 283 -8.89 27.08 22.74
CA ALA B 283 -10.06 27.45 23.55
C ALA B 283 -10.91 28.50 22.83
N ALA B 284 -10.25 29.50 22.27
CA ALA B 284 -10.95 30.58 21.56
C ALA B 284 -11.75 30.05 20.37
N SER B 285 -11.23 29.02 19.71
CA SER B 285 -11.88 28.44 18.55
C SER B 285 -13.09 27.65 18.98
N ILE B 286 -12.97 26.98 20.13
CA ILE B 286 -14.04 26.17 20.67
C ILE B 286 -15.19 27.02 21.19
N LEU B 287 -14.88 27.98 22.05
CA LEU B 287 -15.88 28.86 22.61
C LEU B 287 -16.63 29.62 21.51
N GLU B 288 -16.22 29.41 20.26
CA GLU B 288 -16.83 30.05 19.10
C GLU B 288 -17.39 29.01 18.16
N GLY B 289 -17.17 27.74 18.52
CA GLY B 289 -17.66 26.61 17.73
C GLY B 289 -16.91 26.20 16.48
N VAL B 290 -15.80 26.87 16.15
CA VAL B 290 -15.03 26.50 14.95
C VAL B 290 -14.01 25.40 15.23
N PRO B 291 -13.98 24.38 14.36
CA PRO B 291 -13.05 23.25 14.50
C PRO B 291 -11.61 23.77 14.50
N TYR B 292 -10.77 23.13 15.31
CA TYR B 292 -9.36 23.52 15.41
C TYR B 292 -8.45 22.37 15.04
N ILE B 293 -7.49 22.67 14.18
CA ILE B 293 -6.52 21.67 13.73
C ILE B 293 -5.11 22.16 14.06
N ASN B 294 -4.43 21.34 14.86
CA ASN B 294 -3.07 21.60 15.30
C ASN B 294 -2.04 20.89 14.42
N GLY B 295 -1.51 21.62 13.44
CA GLY B 295 -0.54 21.04 12.53
C GLY B 295 0.89 21.13 13.00
N SER B 296 1.09 21.04 14.31
CA SER B 296 2.41 21.10 14.92
C SER B 296 2.45 20.11 16.09
N PRO B 297 3.66 19.73 16.53
CA PRO B 297 3.92 18.78 17.62
C PRO B 297 3.41 19.04 19.04
N GLN B 298 3.58 20.26 19.54
CA GLN B 298 3.15 20.59 20.91
C GLN B 298 1.85 19.93 21.37
N ASN B 299 1.81 19.50 22.63
CA ASN B 299 0.61 18.88 23.18
C ASN B 299 -0.41 19.97 23.47
N THR B 300 -1.02 20.51 22.43
CA THR B 300 -2.00 21.57 22.63
C THR B 300 -3.23 21.05 23.37
N PHE B 301 -3.90 20.08 22.77
CA PHE B 301 -5.09 19.51 23.35
C PHE B 301 -4.84 18.77 24.64
N VAL B 302 -4.59 19.51 25.70
CA VAL B 302 -4.38 18.89 27.00
C VAL B 302 -5.78 18.56 27.52
N PRO B 303 -5.89 17.62 28.46
CA PRO B 303 -7.19 17.20 29.04
C PRO B 303 -8.27 18.27 29.11
N GLY B 304 -7.95 19.41 29.72
CA GLY B 304 -8.92 20.48 29.86
C GLY B 304 -9.44 21.03 28.55
N LEU B 305 -8.54 21.21 27.60
CA LEU B 305 -8.92 21.74 26.29
C LEU B 305 -9.73 20.72 25.51
N VAL B 306 -9.54 19.44 25.82
CA VAL B 306 -10.26 18.36 25.15
C VAL B 306 -11.71 18.27 25.64
N GLN B 307 -11.93 18.64 26.90
CA GLN B 307 -13.25 18.63 27.50
C GLN B 307 -14.07 19.82 27.02
N LEU B 308 -13.51 21.02 27.17
CA LEU B 308 -14.17 22.24 26.73
C LEU B 308 -14.66 22.03 25.28
N ALA B 309 -14.11 20.99 24.64
CA ALA B 309 -14.46 20.61 23.27
C ALA B 309 -15.68 19.69 23.29
N GLU B 310 -15.53 18.55 23.96
CA GLU B 310 -16.63 17.59 24.08
C GLU B 310 -17.83 18.45 24.48
N HIS B 311 -17.62 19.26 25.51
CA HIS B 311 -18.64 20.14 26.02
C HIS B 311 -19.23 20.95 24.88
N GLU B 312 -18.60 22.07 24.53
CA GLU B 312 -19.09 22.94 23.45
C GLU B 312 -19.48 22.18 22.17
N GLY B 313 -19.14 20.89 22.13
CA GLY B 313 -19.46 20.07 20.98
C GLY B 313 -18.87 20.54 19.67
N THR B 314 -17.56 20.79 19.67
CA THR B 314 -16.84 21.21 18.47
C THR B 314 -15.83 20.11 18.18
N PHE B 315 -15.17 20.18 17.03
CA PHE B 315 -14.16 19.18 16.65
C PHE B 315 -12.73 19.69 16.74
N ILE B 316 -11.80 18.76 16.99
CA ILE B 316 -10.37 19.11 17.12
C ILE B 316 -9.37 18.25 16.32
N ALA B 317 -8.12 18.72 16.30
CA ALA B 317 -7.01 18.11 15.56
C ALA B 317 -6.42 16.79 16.07
N GLY B 318 -5.30 16.41 15.44
CA GLY B 318 -4.61 15.18 15.78
C GLY B 318 -3.12 15.32 16.01
N ASP B 319 -2.63 16.56 16.05
CA ASP B 319 -1.23 16.88 16.32
C ASP B 319 -0.16 16.51 15.27
N ASP B 320 0.52 17.55 14.78
CA ASP B 320 1.63 17.44 13.81
C ASP B 320 1.33 16.92 12.42
N LEU B 321 1.43 17.81 11.44
CA LEU B 321 1.22 17.46 10.04
C LEU B 321 2.23 16.44 9.57
N LYS B 322 1.73 15.30 9.08
CA LYS B 322 2.56 14.20 8.59
C LYS B 322 3.21 14.53 7.25
N SER B 323 4.52 14.79 7.26
CA SER B 323 5.25 15.13 6.06
C SER B 323 5.29 14.02 5.01
N GLY B 324 5.33 14.44 3.74
CA GLY B 324 5.36 13.48 2.64
C GLY B 324 6.62 12.64 2.69
N GLN B 325 7.46 12.92 3.68
CA GLN B 325 8.71 12.20 3.85
C GLN B 325 8.48 11.07 4.84
N THR B 326 7.78 11.38 5.93
CA THR B 326 7.47 10.39 6.97
C THR B 326 6.51 9.37 6.38
N LYS B 327 5.66 9.86 5.48
CA LYS B 327 4.68 9.01 4.83
C LYS B 327 5.37 7.92 4.02
N LEU B 328 6.08 8.34 2.98
CA LEU B 328 6.80 7.43 2.11
C LEU B 328 7.64 6.43 2.89
N LYS B 329 8.38 6.93 3.87
CA LYS B 329 9.23 6.08 4.70
C LYS B 329 8.40 5.03 5.42
N SER B 330 7.16 5.39 5.75
CA SER B 330 6.26 4.49 6.46
C SER B 330 5.74 3.41 5.51
N VAL B 331 5.46 3.79 4.27
CA VAL B 331 4.99 2.83 3.27
C VAL B 331 6.07 1.74 3.07
N LEU B 332 7.23 2.16 2.55
CA LEU B 332 8.37 1.29 2.32
C LEU B 332 8.65 0.39 3.51
N ALA B 333 8.75 1.01 4.68
CA ALA B 333 8.96 0.26 5.90
C ALA B 333 7.91 -0.84 6.03
N GLN B 334 6.66 -0.49 5.74
CA GLN B 334 5.55 -1.44 5.81
C GLN B 334 5.69 -2.52 4.72
N PHE B 335 6.01 -2.05 3.53
CA PHE B 335 6.21 -2.88 2.35
C PHE B 335 7.13 -4.07 2.68
N LEU B 336 8.26 -3.77 3.30
CA LEU B 336 9.26 -4.77 3.66
C LEU B 336 8.76 -5.87 4.59
N VAL B 337 8.23 -5.49 5.74
CA VAL B 337 7.72 -6.46 6.71
C VAL B 337 6.59 -7.29 6.13
N ASP B 338 5.81 -6.71 5.20
CA ASP B 338 4.70 -7.43 4.54
C ASP B 338 5.27 -8.59 3.74
N ALA B 339 6.33 -8.29 2.96
CA ALA B 339 7.02 -9.27 2.11
C ALA B 339 7.68 -10.39 2.89
N GLY B 340 7.97 -10.14 4.17
CA GLY B 340 8.60 -11.13 5.03
C GLY B 340 10.06 -10.83 5.24
N ILE B 341 10.45 -9.60 4.90
CA ILE B 341 11.82 -9.10 5.02
C ILE B 341 12.00 -8.34 6.33
N LYS B 342 12.95 -8.78 7.14
CA LYS B 342 13.24 -8.19 8.44
C LYS B 342 14.19 -7.00 8.44
N PRO B 343 13.68 -5.77 8.17
CA PRO B 343 14.68 -4.70 8.21
C PRO B 343 15.31 -4.71 9.61
N VAL B 344 16.57 -4.32 9.70
CA VAL B 344 17.25 -4.34 10.98
C VAL B 344 17.76 -2.97 11.40
N SER B 345 17.71 -2.03 10.47
CA SER B 345 18.17 -0.68 10.73
C SER B 345 17.59 0.26 9.70
N ILE B 346 17.14 1.43 10.15
CA ILE B 346 16.55 2.43 9.26
C ILE B 346 16.93 3.82 9.71
N ALA B 347 17.76 4.50 8.95
CA ALA B 347 18.20 5.84 9.33
C ALA B 347 17.59 6.91 8.43
N SER B 348 17.39 8.11 8.99
CA SER B 348 16.82 9.23 8.25
C SER B 348 17.67 10.46 8.47
N TYR B 349 17.96 11.17 7.39
CA TYR B 349 18.76 12.38 7.46
C TYR B 349 18.03 13.36 6.58
N ASN B 350 17.46 14.39 7.20
CA ASN B 350 16.68 15.36 6.45
C ASN B 350 17.13 16.76 6.82
N HIS B 351 17.61 17.52 5.84
CA HIS B 351 18.02 18.88 6.12
C HIS B 351 17.38 19.85 5.13
N LEU B 352 16.65 20.82 5.67
CA LEU B 352 15.97 21.82 4.86
C LEU B 352 16.40 23.22 5.28
N VAL B 376 5.88 4.32 14.50
CA VAL B 376 5.29 3.41 13.51
C VAL B 376 6.19 2.21 13.21
N ILE B 377 7.37 2.19 13.82
CA ILE B 377 8.29 1.08 13.62
C ILE B 377 8.05 0.03 14.70
N ASP B 378 7.96 0.52 15.95
CA ASP B 378 7.73 -0.33 17.11
C ASP B 378 6.51 -1.19 16.94
N ASP B 379 5.46 -0.63 16.33
CA ASP B 379 4.22 -1.38 16.10
C ASP B 379 4.39 -2.36 14.94
N ILE B 380 5.21 -1.99 13.96
CA ILE B 380 5.51 -2.87 12.84
C ILE B 380 6.18 -4.09 13.46
N ILE B 381 7.11 -3.83 14.37
CA ILE B 381 7.83 -4.87 15.10
C ILE B 381 6.83 -5.75 15.87
N ALA B 382 5.69 -5.17 16.20
CA ALA B 382 4.65 -5.86 16.95
C ALA B 382 3.80 -6.78 16.07
N SER B 383 3.60 -6.38 14.81
CA SER B 383 2.79 -7.17 13.87
C SER B 383 3.42 -8.50 13.53
N ASN B 384 4.74 -8.60 13.70
CA ASN B 384 5.46 -9.82 13.38
C ASN B 384 6.27 -10.36 14.57
N ASP B 385 5.96 -11.57 15.01
CA ASP B 385 6.73 -12.17 16.11
C ASP B 385 7.57 -13.28 15.49
N ILE B 386 7.44 -13.42 14.17
CA ILE B 386 8.19 -14.41 13.43
C ILE B 386 9.55 -13.75 13.26
N LEU B 387 9.55 -12.64 12.51
CA LEU B 387 10.74 -11.87 12.25
C LEU B 387 11.29 -11.25 13.52
N TYR B 388 10.42 -10.61 14.29
CA TYR B 388 10.86 -9.96 15.52
C TYR B 388 10.44 -10.64 16.80
N ASN B 389 11.34 -11.46 17.34
CA ASN B 389 11.12 -12.18 18.59
C ASN B 389 12.41 -12.09 19.40
N ASP B 390 12.51 -12.87 20.47
CA ASP B 390 13.72 -12.84 21.31
C ASP B 390 14.83 -13.71 20.75
N LYS B 391 14.50 -14.93 20.39
CA LYS B 391 15.47 -15.88 19.85
C LYS B 391 16.30 -15.28 18.70
N LEU B 392 15.70 -14.36 17.96
CA LEU B 392 16.37 -13.72 16.83
C LEU B 392 16.66 -12.26 17.14
N GLY B 393 15.80 -11.64 17.92
CA GLY B 393 15.98 -10.24 18.25
C GLY B 393 14.78 -9.48 17.72
N LYS B 394 14.20 -8.63 18.56
CA LYS B 394 13.03 -7.86 18.17
C LYS B 394 13.31 -6.37 18.19
N LYS B 395 14.52 -6.00 17.76
CA LYS B 395 14.92 -4.60 17.77
C LYS B 395 15.29 -4.09 16.37
N VAL B 396 14.88 -2.87 16.07
CA VAL B 396 15.18 -2.22 14.80
C VAL B 396 15.87 -0.90 15.10
N ASP B 397 17.09 -0.71 14.59
CA ASP B 397 17.81 0.53 14.81
C ASP B 397 17.14 1.56 13.94
N HIS B 398 17.12 2.80 14.41
CA HIS B 398 16.50 3.90 13.69
C HIS B 398 16.97 5.21 14.29
N CYS B 399 16.84 6.28 13.50
CA CYS B 399 17.25 7.61 13.95
C CYS B 399 16.85 8.63 12.90
N ILE B 400 16.35 9.78 13.35
CA ILE B 400 15.97 10.83 12.42
C ILE B 400 16.88 12.00 12.75
N VAL B 401 17.34 12.69 11.71
CA VAL B 401 18.25 13.82 11.90
C VAL B 401 17.85 15.00 11.02
N ILE B 402 17.43 16.08 11.65
CA ILE B 402 17.05 17.27 10.89
C ILE B 402 18.07 18.37 11.17
N LYS B 403 18.84 18.72 10.13
CA LYS B 403 19.85 19.75 10.24
C LYS B 403 19.38 21.03 9.53
N TYR B 404 19.92 22.16 9.94
CA TYR B 404 19.55 23.42 9.33
C TYR B 404 20.57 23.84 8.28
N MET B 405 20.10 24.04 7.06
CA MET B 405 20.93 24.44 5.93
C MET B 405 20.13 25.50 5.16
N LYS B 406 20.48 26.77 5.34
CA LYS B 406 19.77 27.85 4.65
C LYS B 406 19.88 27.85 3.12
N PRO B 407 21.09 27.58 2.57
CA PRO B 407 21.38 27.54 1.12
C PRO B 407 20.75 26.40 0.29
N VAL B 408 19.43 26.22 0.41
CA VAL B 408 18.72 25.19 -0.35
C VAL B 408 17.44 25.77 -0.99
N GLY B 409 16.92 26.86 -0.41
CA GLY B 409 15.73 27.51 -0.94
C GLY B 409 14.42 26.74 -0.86
N ASP B 410 13.96 26.49 0.36
CA ASP B 410 12.73 25.74 0.64
C ASP B 410 12.87 24.26 0.28
N SER B 411 13.65 23.97 -0.75
CA SER B 411 13.87 22.59 -1.20
C SER B 411 14.33 21.70 -0.04
N LYS B 412 13.48 20.76 0.33
CA LYS B 412 13.77 19.83 1.41
C LYS B 412 14.44 18.59 0.83
N VAL B 413 15.53 18.17 1.46
CA VAL B 413 16.25 16.98 1.02
C VAL B 413 16.21 16.02 2.19
N ALA B 414 15.83 14.78 1.91
CA ALA B 414 15.75 13.75 2.93
C ALA B 414 16.30 12.47 2.34
N MET B 415 17.00 11.69 3.16
CA MET B 415 17.60 10.45 2.70
C MET B 415 17.38 9.39 3.77
N ASP B 416 16.87 8.24 3.35
CA ASP B 416 16.61 7.15 4.28
C ASP B 416 17.36 5.91 3.82
N GLU B 417 18.03 5.26 4.76
CA GLU B 417 18.81 4.06 4.48
C GLU B 417 18.17 2.92 5.23
N TYR B 418 17.84 1.84 4.53
CA TYR B 418 17.24 0.67 5.16
C TYR B 418 18.19 -0.51 4.97
N TYR B 419 18.46 -1.25 6.04
CA TYR B 419 19.33 -2.40 5.93
C TYR B 419 18.51 -3.56 6.44
N SER B 420 18.22 -4.53 5.57
CA SER B 420 17.40 -5.67 5.98
C SER B 420 18.16 -6.99 5.84
N GLU B 421 17.62 -8.01 6.48
CA GLU B 421 18.21 -9.34 6.44
C GLU B 421 17.37 -10.28 5.61
N LEU B 422 17.90 -10.73 4.48
CA LEU B 422 17.18 -11.68 3.65
C LEU B 422 17.52 -13.05 4.23
N MET B 423 17.17 -14.13 3.52
CA MET B 423 17.46 -15.45 4.04
C MET B 423 18.89 -15.92 3.89
N LEU B 424 19.23 -16.93 4.69
CA LEU B 424 20.54 -17.56 4.65
C LEU B 424 21.77 -16.65 4.55
N GLY B 425 21.79 -15.59 5.36
CA GLY B 425 22.93 -14.70 5.37
C GLY B 425 22.86 -13.49 4.47
N GLY B 426 21.79 -13.39 3.69
CA GLY B 426 21.63 -12.28 2.79
C GLY B 426 21.31 -10.96 3.47
N HIS B 427 21.41 -9.87 2.71
CA HIS B 427 21.15 -8.54 3.20
C HIS B 427 20.67 -7.66 2.03
N ASN B 428 19.74 -6.76 2.32
CA ASN B 428 19.23 -5.84 1.31
C ASN B 428 19.47 -4.42 1.80
N ARG B 429 19.91 -3.55 0.89
CA ARG B 429 20.18 -2.17 1.26
C ARG B 429 19.52 -1.19 0.28
N ILE B 430 18.47 -0.52 0.73
CA ILE B 430 17.71 0.45 -0.06
C ILE B 430 17.93 1.85 0.45
N SER B 431 18.67 2.67 -0.29
CA SER B 431 18.89 4.04 0.14
C SER B 431 18.03 4.95 -0.70
N ILE B 432 17.18 5.73 -0.03
CA ILE B 432 16.29 6.63 -0.76
C ILE B 432 16.59 8.11 -0.57
N HIS B 433 16.65 8.81 -1.69
CA HIS B 433 16.98 10.23 -1.70
C HIS B 433 15.80 11.02 -2.25
N ASN B 434 15.05 11.67 -1.35
CA ASN B 434 13.87 12.42 -1.72
C ASN B 434 14.17 13.91 -1.73
N VAL B 435 13.59 14.63 -2.68
CA VAL B 435 13.82 16.07 -2.77
C VAL B 435 12.66 16.79 -3.43
N CYS B 436 12.18 17.84 -2.78
CA CYS B 436 11.07 18.63 -3.32
C CYS B 436 10.97 19.97 -2.62
N GLU B 437 10.07 20.81 -3.11
CA GLU B 437 9.87 22.15 -2.56
C GLU B 437 9.29 22.21 -1.14
N ASP B 438 9.08 21.04 -0.52
CA ASP B 438 8.62 20.92 0.87
C ASP B 438 7.26 21.52 1.21
N SER B 439 7.06 22.78 0.84
CA SER B 439 5.81 23.47 1.09
C SER B 439 4.76 23.07 0.05
N LEU B 440 5.21 22.93 -1.21
CA LEU B 440 4.32 22.52 -2.30
C LEU B 440 3.86 21.10 -2.05
N LEU B 441 4.41 20.51 -1.00
CA LEU B 441 4.04 19.17 -0.63
C LEU B 441 3.22 19.22 0.65
N ALA B 442 3.50 20.21 1.49
CA ALA B 442 2.79 20.38 2.76
C ALA B 442 1.48 21.13 2.58
N THR B 443 1.50 22.21 1.80
CA THR B 443 0.31 22.99 1.56
C THR B 443 -0.89 22.15 1.11
N PRO B 444 -0.72 21.34 0.02
CA PRO B 444 -1.83 20.51 -0.44
C PRO B 444 -2.38 19.55 0.61
N LEU B 445 -1.55 19.17 1.58
CA LEU B 445 -2.02 18.27 2.64
C LEU B 445 -2.79 19.05 3.68
N ILE B 446 -2.47 20.34 3.82
CA ILE B 446 -3.17 21.18 4.75
C ILE B 446 -4.59 21.27 4.20
N ILE B 447 -4.70 21.58 2.90
CA ILE B 447 -5.99 21.66 2.24
C ILE B 447 -6.82 20.41 2.49
N ASP B 448 -6.20 19.24 2.30
CA ASP B 448 -6.89 17.98 2.50
C ASP B 448 -7.46 17.85 3.90
N LEU B 449 -6.74 18.36 4.90
CA LEU B 449 -7.22 18.31 6.29
C LEU B 449 -8.47 19.19 6.43
N LEU B 450 -8.39 20.39 5.85
CA LEU B 450 -9.48 21.35 5.89
C LEU B 450 -10.75 20.84 5.22
N VAL B 451 -10.57 20.22 4.07
CA VAL B 451 -11.69 19.69 3.32
C VAL B 451 -12.30 18.48 4.00
N MET B 452 -11.47 17.70 4.65
CA MET B 452 -11.97 16.52 5.31
C MET B 452 -12.54 16.87 6.69
N THR B 453 -11.96 17.89 7.31
CA THR B 453 -12.44 18.34 8.62
C THR B 453 -13.85 18.90 8.43
N GLU B 454 -14.00 19.75 7.42
CA GLU B 454 -15.28 20.35 7.10
C GLU B 454 -16.29 19.26 6.77
N PHE B 455 -15.92 18.34 5.90
CA PHE B 455 -16.82 17.26 5.53
C PHE B 455 -17.20 16.43 6.75
N CYS B 456 -16.22 16.06 7.56
CA CYS B 456 -16.50 15.27 8.76
C CYS B 456 -17.45 16.01 9.70
N THR B 457 -17.43 17.33 9.63
CA THR B 457 -18.29 18.14 10.47
C THR B 457 -19.76 17.82 10.22
N ARG B 458 -20.12 17.71 8.95
CA ARG B 458 -21.50 17.41 8.57
C ARG B 458 -21.88 15.93 8.68
N VAL B 459 -21.20 15.19 9.58
CA VAL B 459 -21.51 13.77 9.75
C VAL B 459 -21.80 13.43 11.21
N SER B 460 -22.93 12.78 11.43
CA SER B 460 -23.34 12.35 12.75
C SER B 460 -23.73 10.89 12.66
N TYR B 461 -23.70 10.18 13.78
CA TYR B 461 -24.03 8.75 13.76
C TYR B 461 -24.74 8.29 15.04
N LYS B 462 -25.06 7.00 15.07
CA LYS B 462 -25.73 6.38 16.22
C LYS B 462 -25.66 4.87 16.10
N LYS B 463 -25.49 4.21 17.23
CA LYS B 463 -25.44 2.75 17.27
C LYS B 463 -26.86 2.20 17.11
N VAL B 464 -26.95 1.87 15.34
CA VAL B 464 -28.38 1.55 15.41
C VAL B 464 -28.56 0.36 16.35
N ASP B 465 -29.80 0.04 16.67
CA ASP B 465 -30.04 -0.98 17.67
C ASP B 465 -31.17 -1.98 17.37
N PRO B 466 -30.87 -3.27 17.08
CA PRO B 466 -31.90 -4.27 16.91
C PRO B 466 -32.63 -4.40 18.24
N LYS B 473 -29.78 9.69 21.26
CA LYS B 473 -29.76 10.83 20.34
C LYS B 473 -29.13 10.43 19.01
N PHE B 474 -28.71 11.45 18.26
CA PHE B 474 -28.07 11.28 16.96
C PHE B 474 -26.81 12.12 17.07
N GLU B 475 -25.92 11.71 17.98
CA GLU B 475 -24.69 12.45 18.23
C GLU B 475 -23.64 12.50 17.14
N ASN B 476 -22.98 13.66 17.07
CA ASN B 476 -21.92 13.94 16.10
C ASN B 476 -20.81 12.92 16.21
N PHE B 477 -19.70 13.22 15.54
CA PHE B 477 -18.54 12.34 15.57
C PHE B 477 -17.86 12.40 16.93
N TYR B 478 -16.56 12.17 16.90
CA TYR B 478 -15.74 12.19 18.10
C TYR B 478 -15.05 13.56 18.03
N PRO B 479 -15.07 14.36 19.13
CA PRO B 479 -14.42 15.68 19.11
C PRO B 479 -13.07 15.61 18.41
N VAL B 480 -12.45 14.43 18.51
CA VAL B 480 -11.16 14.16 17.89
C VAL B 480 -11.45 13.54 16.52
N LEU B 481 -11.19 14.30 15.45
CA LEU B 481 -11.42 13.83 14.08
C LEU B 481 -10.35 12.79 13.72
N THR B 482 -10.61 11.54 14.12
CA THR B 482 -9.72 10.41 13.92
C THR B 482 -9.70 9.79 12.53
N PHE B 483 -10.20 10.50 11.53
CA PHE B 483 -10.17 9.98 10.18
C PHE B 483 -9.19 10.82 9.37
N LEU B 484 -8.57 11.77 10.06
CA LEU B 484 -7.61 12.67 9.43
C LEU B 484 -6.18 12.30 9.81
N SER B 485 -5.98 11.07 10.27
CA SER B 485 -4.66 10.59 10.67
C SER B 485 -3.66 10.51 9.51
N TYR B 486 -4.16 10.12 8.34
CA TYR B 486 -3.34 10.03 7.14
C TYR B 486 -2.58 11.33 6.91
N TRP B 487 -3.01 12.40 7.57
CA TRP B 487 -2.38 13.71 7.41
C TRP B 487 -1.70 14.23 8.68
N LEU B 488 -1.87 13.50 9.79
CA LEU B 488 -1.27 13.86 11.07
C LEU B 488 -0.22 12.83 11.52
N LYS B 489 0.93 13.33 11.96
CA LYS B 489 2.06 12.48 12.39
C LYS B 489 1.90 11.84 13.77
N ALA B 490 1.20 12.53 14.69
CA ALA B 490 0.99 12.01 16.05
C ALA B 490 -0.49 11.81 16.36
N PRO B 491 -1.24 11.12 15.46
CA PRO B 491 -2.67 10.86 15.62
C PRO B 491 -3.23 10.92 17.04
N LEU B 492 -3.72 12.08 17.42
CA LEU B 492 -4.31 12.28 18.73
C LEU B 492 -5.45 11.27 18.89
N THR B 493 -5.39 10.45 19.94
CA THR B 493 -6.44 9.46 20.16
C THR B 493 -6.97 9.52 21.58
N ARG B 494 -7.84 8.57 21.91
CA ARG B 494 -8.42 8.50 23.24
C ARG B 494 -7.57 7.49 24.04
N PRO B 495 -7.74 7.45 25.38
CA PRO B 495 -7.02 6.57 26.31
C PRO B 495 -6.82 5.10 25.92
N GLY B 496 -5.66 4.55 26.30
CA GLY B 496 -5.30 3.15 26.03
C GLY B 496 -5.46 2.64 24.60
N PHE B 497 -5.34 3.54 23.63
CA PHE B 497 -5.47 3.19 22.22
C PHE B 497 -4.20 3.44 21.39
N HIS B 498 -3.78 2.43 20.64
CA HIS B 498 -2.61 2.53 19.78
C HIS B 498 -3.00 3.09 18.42
N PRO B 499 -2.75 4.38 18.16
CA PRO B 499 -3.12 4.90 16.85
C PRO B 499 -2.29 4.17 15.80
N VAL B 500 -2.91 3.84 14.66
CA VAL B 500 -2.20 3.12 13.62
C VAL B 500 -1.66 4.11 12.58
N ASN B 501 -0.71 3.65 11.78
CA ASN B 501 -0.08 4.49 10.77
C ASN B 501 -0.01 3.92 9.35
N GLY B 502 0.39 2.64 9.21
CA GLY B 502 0.51 2.00 7.91
C GLY B 502 -0.20 2.73 6.77
N LEU B 503 0.24 3.96 6.51
CA LEU B 503 -0.31 4.86 5.53
C LEU B 503 -1.50 4.42 4.67
N ASN B 504 -1.31 3.49 3.74
CA ASN B 504 -2.42 3.06 2.88
C ASN B 504 -3.60 2.51 3.68
N LYS B 505 -3.34 2.01 4.89
CA LYS B 505 -4.40 1.50 5.75
C LYS B 505 -5.20 2.74 6.14
N GLN B 506 -4.49 3.78 6.58
CA GLN B 506 -5.12 5.02 6.97
C GLN B 506 -5.95 5.59 5.82
N ARG B 507 -5.44 5.50 4.58
CA ARG B 507 -6.16 6.03 3.42
C ARG B 507 -7.33 5.11 3.07
N THR B 508 -7.17 3.82 3.31
CA THR B 508 -8.22 2.87 3.04
C THR B 508 -9.37 3.06 4.01
N ALA B 509 -9.07 3.20 5.30
CA ALA B 509 -10.10 3.44 6.30
C ALA B 509 -10.92 4.60 5.75
N LEU B 510 -10.21 5.65 5.35
CA LEU B 510 -10.80 6.85 4.80
C LEU B 510 -11.67 6.54 3.57
N GLU B 511 -11.11 5.78 2.64
CA GLU B 511 -11.85 5.43 1.43
C GLU B 511 -13.07 4.61 1.83
N ASN B 512 -12.86 3.62 2.70
CA ASN B 512 -13.92 2.76 3.17
C ASN B 512 -15.01 3.51 3.93
N PHE B 513 -14.69 4.70 4.40
CA PHE B 513 -15.69 5.47 5.10
C PHE B 513 -16.62 6.05 4.04
N LEU B 514 -16.07 6.88 3.16
CA LEU B 514 -16.86 7.47 2.10
C LEU B 514 -17.78 6.42 1.46
N ARG B 515 -17.25 5.21 1.27
CA ARG B 515 -18.00 4.13 0.65
C ARG B 515 -19.20 3.66 1.45
N LEU B 516 -19.00 3.42 2.74
CA LEU B 516 -20.10 2.98 3.58
C LEU B 516 -21.18 4.06 3.53
N LEU B 517 -20.75 5.32 3.54
CA LEU B 517 -21.66 6.46 3.49
C LEU B 517 -22.61 6.41 2.28
N ILE B 518 -22.17 5.81 1.17
CA ILE B 518 -23.03 5.72 -0.02
C ILE B 518 -23.57 4.32 -0.29
N GLY B 519 -23.53 3.47 0.74
CA GLY B 519 -24.06 2.13 0.60
C GLY B 519 -23.16 1.08 -0.03
N LEU B 520 -21.88 1.43 -0.20
CA LEU B 520 -20.90 0.52 -0.79
C LEU B 520 -20.10 -0.18 0.31
N PRO B 521 -19.77 -1.48 0.11
CA PRO B 521 -18.99 -2.20 1.13
C PRO B 521 -17.48 -1.95 0.96
N SER B 522 -16.65 -2.73 1.64
CA SER B 522 -15.20 -2.53 1.53
C SER B 522 -14.71 -3.10 0.22
N GLN B 523 -13.53 -2.68 -0.21
CA GLN B 523 -12.93 -3.20 -1.44
C GLN B 523 -12.30 -4.55 -1.07
N ASN B 524 -12.74 -5.64 -1.67
CA ASN B 524 -12.17 -6.92 -1.31
C ASN B 524 -11.08 -7.41 -2.26
N GLU B 525 -11.04 -6.84 -3.46
CA GLU B 525 -10.03 -7.20 -4.46
C GLU B 525 -10.02 -8.69 -4.87
N LEU B 526 -11.10 -9.40 -4.56
CA LEU B 526 -11.20 -10.81 -4.89
C LEU B 526 -11.48 -11.08 -6.37
N ARG B 527 -11.91 -10.05 -7.09
CA ARG B 527 -12.23 -10.18 -8.51
C ARG B 527 -12.73 -11.57 -8.83
N PHE B 528 -13.82 -11.99 -8.19
CA PHE B 528 -14.34 -13.32 -8.44
C PHE B 528 -14.98 -13.49 -9.81
N GLU B 529 -15.33 -12.37 -10.44
CA GLU B 529 -15.90 -12.50 -11.76
C GLU B 529 -14.71 -12.70 -12.72
N GLU B 530 -13.65 -13.31 -12.19
CA GLU B 530 -12.44 -13.58 -12.96
C GLU B 530 -11.76 -14.84 -12.47
N ARG B 531 -11.32 -14.82 -11.22
CA ARG B 531 -10.63 -15.96 -10.60
C ARG B 531 -11.55 -17.17 -10.75
N LEU B 532 -12.85 -16.91 -10.61
CA LEU B 532 -13.87 -17.94 -10.69
C LEU B 532 -14.54 -18.00 -12.07
N LEU B 533 -15.10 -19.18 -12.37
CA LEU B 533 -15.79 -19.45 -13.62
C LEU B 533 -17.25 -19.01 -13.55
#